data_8GIL
#
_entry.id   8GIL
#
_cell.length_a   46.685
_cell.length_b   81.834
_cell.length_c   83.674
_cell.angle_alpha   90.000
_cell.angle_beta   90.546
_cell.angle_gamma   90.000
#
_symmetry.space_group_name_H-M   'P 1 21 1'
#
loop_
_entity.id
_entity.type
_entity.pdbx_description
1 polymer 'L-threonine 3-dehydrogenase'
2 non-polymer 'POTASSIUM ION'
3 water water
#
_entity_poly.entity_id   1
_entity_poly.type   'polypeptide(L)'
_entity_poly.pdbx_seq_one_letter_code
;MGSSHHHHHHSSGLVPRGSHMASMTGGQQMGRGSMLRFSLPLFAAAVPRVLITGGLGQIGTDLTLALREKFGADSVLTSD
LVTPPEKHPLAGGKGYQHLNCMDRDAYEKLVKDFKPTWLFHLPAIMSVRGEAEPQLAMNLNINSTRHALDLARDYKMRCF
IPSTIAAFGDKCGKVNTKDDTILNPSTVYGVTKVFTEMIGTYYREKMGTDFRSVRFPGIISAATLPGGGATDYAIHMYHC
ALLGKKYVCPVRRDEPLPMLYMPDALGGVIKLMEASDSCLKRAVYNISGFSFTPEQLRASIEARMKRPLEVEYVEGPAQS
IAHSWPDSLDDSNARQDWGYETKYDVDKMTDDMLRQIPVLHGLPSL
;
_entity_poly.pdbx_strand_id   A,B
#
loop_
_chem_comp.id
_chem_comp.type
_chem_comp.name
_chem_comp.formula
K non-polymer 'POTASSIUM ION' 'K 1'
#
# COMPACT_ATOMS: atom_id res chain seq x y z
N VAL A 47 -21.84 -25.05 11.78
CA VAL A 47 -21.86 -24.11 10.61
C VAL A 47 -21.51 -22.71 11.09
N PRO A 48 -20.89 -21.87 10.23
CA PRO A 48 -20.50 -20.51 10.60
C PRO A 48 -21.64 -19.52 10.72
N ARG A 49 -21.40 -18.49 11.54
CA ARG A 49 -22.21 -17.28 11.58
C ARG A 49 -21.58 -16.26 10.63
N VAL A 50 -22.35 -15.77 9.65
CA VAL A 50 -21.73 -14.92 8.64
C VAL A 50 -22.25 -13.50 8.75
N LEU A 51 -21.33 -12.54 8.88
CA LEU A 51 -21.59 -11.12 8.63
C LEU A 51 -20.96 -10.71 7.30
N ILE A 52 -21.79 -10.22 6.37
CA ILE A 52 -21.32 -9.62 5.15
C ILE A 52 -21.51 -8.09 5.24
N THR A 53 -20.42 -7.33 5.05
CA THR A 53 -20.53 -5.88 4.92
C THR A 53 -20.35 -5.47 3.46
N GLY A 54 -20.98 -4.35 3.09
CA GLY A 54 -21.00 -3.92 1.70
C GLY A 54 -21.77 -4.90 0.80
N GLY A 55 -22.82 -5.51 1.36
CA GLY A 55 -23.49 -6.66 0.78
C GLY A 55 -24.46 -6.37 -0.36
N LEU A 56 -24.58 -5.10 -0.78
CA LEU A 56 -25.56 -4.74 -1.79
C LEU A 56 -24.92 -4.81 -3.18
N GLY A 57 -23.59 -4.98 -3.24
CA GLY A 57 -22.89 -5.19 -4.49
C GLY A 57 -23.19 -6.58 -5.08
N GLN A 58 -22.73 -6.84 -6.32
CA GLN A 58 -23.03 -8.11 -6.97
C GLN A 58 -22.61 -9.28 -6.06
N ILE A 59 -21.37 -9.23 -5.56
CA ILE A 59 -20.77 -10.33 -4.82
C ILE A 59 -21.47 -10.47 -3.46
N GLY A 60 -21.64 -9.35 -2.77
CA GLY A 60 -22.33 -9.36 -1.50
C GLY A 60 -23.68 -10.06 -1.60
N THR A 61 -24.50 -9.63 -2.58
CA THR A 61 -25.84 -10.17 -2.79
C THR A 61 -25.75 -11.67 -3.12
N ASP A 62 -25.01 -11.99 -4.20
CA ASP A 62 -24.87 -13.36 -4.67
C ASP A 62 -24.30 -14.24 -3.57
N LEU A 63 -23.31 -13.72 -2.82
CA LEU A 63 -22.75 -14.46 -1.72
C LEU A 63 -23.80 -14.65 -0.63
N THR A 64 -24.60 -13.60 -0.37
CA THR A 64 -25.61 -13.71 0.67
C THR A 64 -26.55 -14.86 0.38
N LEU A 65 -26.95 -14.97 -0.90
CA LEU A 65 -27.86 -16.01 -1.34
C LEU A 65 -27.23 -17.39 -1.23
N ALA A 66 -26.00 -17.54 -1.75
CA ALA A 66 -25.29 -18.81 -1.68
C ALA A 66 -25.17 -19.29 -0.23
N LEU A 67 -24.89 -18.39 0.71
CA LEU A 67 -24.68 -18.79 2.10
C LEU A 67 -26.00 -18.98 2.86
N ARG A 68 -27.04 -18.24 2.49
CA ARG A 68 -28.38 -18.54 2.97
C ARG A 68 -28.71 -20.00 2.64
N GLU A 69 -28.48 -20.36 1.38
CA GLU A 69 -28.58 -21.70 0.83
C GLU A 69 -27.65 -22.65 1.59
N LYS A 70 -26.35 -22.36 1.58
CA LYS A 70 -25.42 -23.32 2.17
C LYS A 70 -25.65 -23.50 3.68
N PHE A 71 -25.80 -22.43 4.47
CA PHE A 71 -25.80 -22.55 5.92
C PHE A 71 -27.17 -22.29 6.57
N GLY A 72 -28.13 -21.73 5.83
CA GLY A 72 -29.41 -21.38 6.43
C GLY A 72 -29.53 -19.88 6.71
N ALA A 73 -30.69 -19.30 6.34
CA ALA A 73 -30.89 -17.85 6.42
C ALA A 73 -30.51 -17.29 7.80
N ASP A 74 -30.79 -18.02 8.89
CA ASP A 74 -30.56 -17.48 10.23
C ASP A 74 -29.08 -17.44 10.58
N SER A 75 -28.22 -17.93 9.68
CA SER A 75 -26.78 -17.99 9.89
C SER A 75 -26.10 -16.76 9.29
N VAL A 76 -26.79 -16.08 8.37
CA VAL A 76 -26.19 -15.02 7.55
C VAL A 76 -26.80 -13.68 7.93
N LEU A 77 -25.95 -12.66 8.14
CA LEU A 77 -26.38 -11.27 8.25
C LEU A 77 -25.64 -10.40 7.24
N THR A 78 -26.40 -9.61 6.49
CA THR A 78 -25.85 -8.77 5.43
C THR A 78 -26.14 -7.31 5.77
N SER A 79 -25.10 -6.47 5.63
CA SER A 79 -25.16 -5.04 5.88
C SER A 79 -24.59 -4.27 4.70
N ASP A 80 -25.16 -3.07 4.48
CA ASP A 80 -24.59 -2.06 3.61
C ASP A 80 -25.02 -0.68 4.15
N LEU A 81 -24.65 0.39 3.42
CA LEU A 81 -24.86 1.76 3.85
C LEU A 81 -26.33 2.16 3.71
N VAL A 82 -26.99 1.64 2.69
CA VAL A 82 -28.30 2.12 2.29
C VAL A 82 -29.29 0.96 2.34
N THR A 83 -30.57 1.30 2.56
CA THR A 83 -31.70 0.40 2.39
C THR A 83 -31.65 -0.25 1.00
N PRO A 84 -31.85 -1.59 0.86
CA PRO A 84 -31.87 -2.22 -0.46
C PRO A 84 -32.95 -1.55 -1.31
N PRO A 85 -32.69 -1.27 -2.61
CA PRO A 85 -33.74 -0.85 -3.53
C PRO A 85 -34.97 -1.77 -3.54
N GLU A 86 -36.07 -1.19 -4.03
CA GLU A 86 -37.36 -1.85 -4.22
C GLU A 86 -37.14 -3.29 -4.69
N LYS A 87 -36.52 -3.42 -5.88
CA LYS A 87 -36.59 -4.64 -6.67
C LYS A 87 -35.40 -5.55 -6.34
N HIS A 88 -34.85 -5.46 -5.12
CA HIS A 88 -33.54 -6.04 -4.82
C HIS A 88 -33.67 -7.36 -4.06
N PRO A 89 -32.85 -8.37 -4.43
CA PRO A 89 -32.90 -9.68 -3.77
C PRO A 89 -32.93 -9.68 -2.25
N LEU A 90 -32.34 -8.67 -1.60
CA LEU A 90 -32.32 -8.66 -0.15
C LEU A 90 -33.32 -7.67 0.42
N ALA A 91 -34.26 -7.18 -0.42
CA ALA A 91 -35.26 -6.21 -0.02
C ALA A 91 -36.25 -6.84 0.95
N GLY A 92 -36.85 -6.01 1.82
CA GLY A 92 -38.01 -6.38 2.62
C GLY A 92 -37.69 -7.31 3.79
N GLY A 93 -37.35 -8.56 3.47
CA GLY A 93 -37.13 -9.60 4.46
C GLY A 93 -36.12 -9.19 5.53
N LYS A 94 -36.08 -9.95 6.62
CA LYS A 94 -35.11 -9.74 7.68
C LYS A 94 -33.76 -10.25 7.19
N GLY A 95 -32.75 -10.21 8.07
CA GLY A 95 -31.38 -10.60 7.75
C GLY A 95 -30.58 -9.48 7.07
N TYR A 96 -31.06 -8.24 7.19
CA TYR A 96 -30.34 -7.09 6.65
C TYR A 96 -30.39 -5.89 7.59
N GLN A 97 -29.25 -5.20 7.70
CA GLN A 97 -28.97 -4.18 8.70
C GLN A 97 -28.20 -3.03 8.03
N HIS A 98 -28.49 -1.77 8.41
CA HIS A 98 -27.66 -0.69 7.93
C HIS A 98 -26.33 -0.71 8.68
N LEU A 99 -25.24 -0.61 7.94
CA LEU A 99 -23.96 -0.38 8.61
C LEU A 99 -23.12 0.54 7.74
N ASN A 100 -22.67 1.63 8.38
CA ASN A 100 -21.57 2.44 7.89
C ASN A 100 -20.26 1.94 8.51
N CYS A 101 -19.48 1.23 7.69
CA CYS A 101 -18.24 0.57 8.10
C CYS A 101 -17.11 1.55 8.42
N MET A 102 -17.31 2.83 8.09
CA MET A 102 -16.34 3.82 8.50
C MET A 102 -16.58 4.26 9.94
N ASP A 103 -17.74 3.90 10.50
CA ASP A 103 -18.06 4.13 11.89
C ASP A 103 -17.66 2.89 12.68
N ARG A 104 -16.52 2.97 13.39
CA ARG A 104 -15.94 1.82 14.08
C ARG A 104 -16.86 1.29 15.17
N ASP A 105 -17.56 2.21 15.87
CA ASP A 105 -18.41 1.88 17.01
C ASP A 105 -19.64 1.12 16.52
N ALA A 106 -20.24 1.62 15.44
CA ALA A 106 -21.35 0.92 14.80
C ALA A 106 -20.88 -0.45 14.29
N TYR A 107 -19.63 -0.53 13.78
CA TYR A 107 -19.12 -1.78 13.26
C TYR A 107 -19.00 -2.79 14.40
N GLU A 108 -18.33 -2.39 15.50
CA GLU A 108 -18.10 -3.23 16.68
C GLU A 108 -19.44 -3.66 17.28
N LYS A 109 -20.37 -2.71 17.34
CA LYS A 109 -21.67 -2.96 17.93
C LYS A 109 -22.31 -4.13 17.19
N LEU A 110 -22.37 -4.03 15.85
CA LEU A 110 -22.99 -5.08 15.06
C LEU A 110 -22.28 -6.43 15.23
N VAL A 111 -20.93 -6.43 15.36
CA VAL A 111 -20.17 -7.65 15.61
C VAL A 111 -20.50 -8.22 16.99
N LYS A 112 -20.69 -7.34 17.98
CA LYS A 112 -21.09 -7.75 19.33
C LYS A 112 -22.48 -8.37 19.32
N ASP A 113 -23.45 -7.71 18.64
CA ASP A 113 -24.80 -8.25 18.54
C ASP A 113 -24.76 -9.65 17.92
N PHE A 114 -24.38 -9.70 16.65
CA PHE A 114 -24.56 -10.88 15.83
C PHE A 114 -23.56 -12.00 16.19
N LYS A 115 -22.37 -11.62 16.66
CA LYS A 115 -21.35 -12.57 17.09
C LYS A 115 -20.97 -13.51 15.95
N PRO A 116 -20.59 -13.02 14.75
CA PRO A 116 -20.20 -13.89 13.63
C PRO A 116 -18.87 -14.60 13.83
N THR A 117 -18.64 -15.64 13.04
CA THR A 117 -17.34 -16.26 12.98
C THR A 117 -16.67 -16.01 11.63
N TRP A 118 -17.48 -15.70 10.60
CA TRP A 118 -16.98 -15.33 9.29
C TRP A 118 -17.34 -13.89 9.00
N LEU A 119 -16.34 -13.11 8.59
CA LEU A 119 -16.53 -11.74 8.15
C LEU A 119 -16.12 -11.63 6.69
N PHE A 120 -17.06 -11.14 5.87
CA PHE A 120 -16.78 -10.72 4.51
C PHE A 120 -16.96 -9.21 4.39
N HIS A 121 -15.84 -8.49 4.46
CA HIS A 121 -15.80 -7.05 4.36
C HIS A 121 -15.69 -6.63 2.89
N LEU A 122 -16.84 -6.31 2.29
CA LEU A 122 -16.90 -6.10 0.86
C LEU A 122 -16.99 -4.63 0.44
N PRO A 123 -17.24 -3.62 1.33
CA PRO A 123 -17.37 -2.22 0.88
C PRO A 123 -16.10 -1.76 0.16
N ALA A 124 -16.27 -1.03 -0.94
CA ALA A 124 -15.17 -0.40 -1.69
C ALA A 124 -15.73 0.61 -2.69
N ILE A 125 -15.03 1.72 -2.84
CA ILE A 125 -15.21 2.55 -4.02
C ILE A 125 -14.25 1.99 -5.07
N MET A 126 -14.76 1.64 -6.26
CA MET A 126 -13.92 0.92 -7.21
C MET A 126 -13.29 1.88 -8.22
N SER A 127 -12.63 1.33 -9.24
CA SER A 127 -11.75 2.05 -10.15
C SER A 127 -12.35 3.38 -10.60
N VAL A 128 -13.46 3.31 -11.34
CA VAL A 128 -13.92 4.49 -12.07
C VAL A 128 -14.42 5.53 -11.07
N ARG A 129 -15.18 5.10 -10.05
CA ARG A 129 -15.70 6.09 -9.12
C ARG A 129 -14.58 6.73 -8.31
N GLY A 130 -13.49 5.96 -8.08
CA GLY A 130 -12.37 6.39 -7.26
C GLY A 130 -11.52 7.48 -7.92
N GLU A 131 -11.46 7.44 -9.26
CA GLU A 131 -10.78 8.50 -10.00
C GLU A 131 -11.56 9.81 -9.83
N ALA A 132 -12.88 9.71 -9.73
CA ALA A 132 -13.71 10.90 -9.57
C ALA A 132 -13.78 11.32 -8.11
N GLU A 133 -13.64 10.39 -7.16
CA GLU A 133 -13.73 10.81 -5.77
C GLU A 133 -12.62 10.15 -4.96
N PRO A 134 -11.34 10.51 -5.23
CA PRO A 134 -10.21 9.80 -4.61
C PRO A 134 -10.23 9.85 -3.08
N GLN A 135 -10.72 10.97 -2.53
CA GLN A 135 -10.79 11.19 -1.10
C GLN A 135 -11.76 10.18 -0.48
N LEU A 136 -12.91 9.99 -1.12
CA LEU A 136 -13.90 9.06 -0.61
C LEU A 136 -13.37 7.62 -0.72
N ALA A 137 -12.72 7.29 -1.85
CA ALA A 137 -12.10 5.99 -2.03
C ALA A 137 -11.12 5.67 -0.90
N MET A 138 -10.22 6.60 -0.56
CA MET A 138 -9.26 6.29 0.47
C MET A 138 -9.95 6.28 1.83
N ASN A 139 -10.91 7.17 2.04
CA ASN A 139 -11.62 7.22 3.32
C ASN A 139 -12.19 5.85 3.68
N LEU A 140 -12.98 5.29 2.74
CA LEU A 140 -13.68 4.03 2.95
C LEU A 140 -12.74 2.85 2.72
N ASN A 141 -11.96 2.87 1.63
CA ASN A 141 -11.19 1.67 1.31
C ASN A 141 -10.18 1.39 2.42
N ILE A 142 -9.49 2.43 2.91
CA ILE A 142 -8.48 2.30 3.95
C ILE A 142 -9.09 2.14 5.35
N ASN A 143 -9.91 3.10 5.80
CA ASN A 143 -10.38 3.11 7.17
C ASN A 143 -11.33 1.94 7.49
N SER A 144 -12.29 1.65 6.61
CA SER A 144 -13.17 0.50 6.81
C SER A 144 -12.38 -0.82 6.93
N THR A 145 -11.40 -1.04 6.03
CA THR A 145 -10.54 -2.22 6.02
C THR A 145 -9.81 -2.37 7.35
N ARG A 146 -9.25 -1.26 7.82
CA ARG A 146 -8.55 -1.19 9.09
C ARG A 146 -9.48 -1.63 10.22
N HIS A 147 -10.74 -1.16 10.21
CA HIS A 147 -11.68 -1.51 11.28
C HIS A 147 -12.06 -2.99 11.23
N ALA A 148 -12.23 -3.53 10.02
CA ALA A 148 -12.64 -4.94 9.92
C ALA A 148 -11.53 -5.86 10.42
N LEU A 149 -10.25 -5.54 10.11
CA LEU A 149 -9.11 -6.32 10.55
C LEU A 149 -9.02 -6.32 12.08
N ASP A 150 -9.11 -5.12 12.67
CA ASP A 150 -9.06 -4.95 14.12
C ASP A 150 -10.18 -5.76 14.79
N LEU A 151 -11.40 -5.68 14.25
CA LEU A 151 -12.55 -6.39 14.78
C LEU A 151 -12.38 -7.90 14.67
N ALA A 152 -11.83 -8.36 13.54
CA ALA A 152 -11.72 -9.78 13.30
C ALA A 152 -10.63 -10.35 14.20
N ARG A 153 -9.59 -9.55 14.46
CA ARG A 153 -8.57 -9.97 15.39
C ARG A 153 -9.19 -10.12 16.78
N ASP A 154 -9.93 -9.11 17.19
CA ASP A 154 -10.40 -9.00 18.57
C ASP A 154 -11.50 -10.03 18.81
N TYR A 155 -12.36 -10.24 17.80
CA TYR A 155 -13.48 -11.15 17.94
C TYR A 155 -13.18 -12.47 17.24
N LYS A 156 -11.90 -12.71 16.95
CA LYS A 156 -11.43 -13.98 16.41
C LYS A 156 -12.26 -14.45 15.22
N MET A 157 -12.48 -13.59 14.23
CA MET A 157 -13.29 -14.03 13.10
C MET A 157 -12.35 -14.40 11.97
N ARG A 158 -12.76 -15.38 11.16
CA ARG A 158 -12.12 -15.54 9.87
C ARG A 158 -12.57 -14.38 8.99
N CYS A 159 -11.58 -13.64 8.44
CA CYS A 159 -11.86 -12.38 7.77
C CYS A 159 -11.43 -12.41 6.29
N PHE A 160 -12.43 -12.31 5.41
CA PHE A 160 -12.22 -12.18 3.97
C PHE A 160 -12.35 -10.71 3.55
N ILE A 161 -11.31 -10.17 2.90
CA ILE A 161 -11.41 -8.85 2.29
C ILE A 161 -10.85 -8.97 0.88
N PRO A 162 -11.68 -8.80 -0.17
CA PRO A 162 -11.23 -9.02 -1.55
C PRO A 162 -10.15 -8.01 -1.95
N SER A 163 -9.17 -8.50 -2.71
CA SER A 163 -8.32 -7.60 -3.46
C SER A 163 -8.83 -7.61 -4.91
N THR A 164 -8.00 -7.20 -5.87
CA THR A 164 -8.51 -6.96 -7.21
C THR A 164 -7.33 -6.93 -8.19
N ILE A 165 -7.62 -7.10 -9.49
CA ILE A 165 -6.61 -6.91 -10.54
C ILE A 165 -6.14 -5.45 -10.63
N ALA A 166 -6.91 -4.51 -10.06
CA ALA A 166 -6.52 -3.09 -9.95
C ALA A 166 -5.32 -2.90 -9.03
N ALA A 167 -5.00 -3.88 -8.18
CA ALA A 167 -3.76 -3.82 -7.41
C ALA A 167 -2.55 -3.76 -8.34
N PHE A 168 -2.72 -4.24 -9.58
CA PHE A 168 -1.60 -4.31 -10.50
C PHE A 168 -1.51 -3.05 -11.35
N GLY A 169 -0.28 -2.76 -11.80
CA GLY A 169 -0.02 -1.67 -12.71
C GLY A 169 0.73 -2.21 -13.93
N ASP A 170 1.34 -1.31 -14.70
CA ASP A 170 1.83 -1.70 -16.02
C ASP A 170 3.18 -2.39 -15.88
N LYS A 171 3.71 -2.47 -14.66
CA LYS A 171 4.97 -3.18 -14.41
C LYS A 171 4.75 -4.61 -13.90
N CYS A 172 3.49 -5.05 -13.75
CA CYS A 172 3.20 -6.31 -13.10
C CYS A 172 3.73 -7.52 -13.88
N GLY A 173 4.01 -7.33 -15.18
CA GLY A 173 4.22 -8.46 -16.08
C GLY A 173 2.87 -9.03 -16.49
N LYS A 174 2.33 -8.50 -17.59
CA LYS A 174 0.90 -8.52 -17.89
C LYS A 174 0.36 -9.87 -18.37
N VAL A 175 1.23 -10.77 -18.79
CA VAL A 175 0.83 -12.08 -19.28
C VAL A 175 1.04 -13.08 -18.15
N ASN A 176 -0.02 -13.76 -17.73
CA ASN A 176 0.03 -14.71 -16.63
C ASN A 176 0.66 -14.10 -15.37
N THR A 177 0.15 -12.93 -14.98
CA THR A 177 0.66 -12.18 -13.84
C THR A 177 0.65 -13.07 -12.62
N LYS A 178 1.79 -13.12 -11.93
CA LYS A 178 2.02 -14.01 -10.82
C LYS A 178 1.41 -13.39 -9.56
N ASP A 179 1.31 -14.21 -8.50
CA ASP A 179 0.89 -13.73 -7.20
C ASP A 179 1.92 -12.73 -6.67
N ASP A 180 3.22 -13.04 -6.84
CA ASP A 180 4.26 -12.18 -6.31
C ASP A 180 4.90 -11.42 -7.46
N THR A 181 4.63 -10.12 -7.56
CA THR A 181 5.25 -9.37 -8.64
C THR A 181 5.38 -7.90 -8.25
N ILE A 182 5.80 -7.04 -9.20
CA ILE A 182 5.84 -5.61 -8.98
C ILE A 182 4.41 -5.06 -8.95
N LEU A 183 4.10 -4.23 -7.95
CA LEU A 183 2.76 -3.66 -7.86
C LEU A 183 2.86 -2.14 -8.01
N ASN A 184 2.35 -1.62 -9.14
CA ASN A 184 2.40 -0.17 -9.32
C ASN A 184 1.02 0.31 -9.76
N PRO A 185 -0.04 0.14 -8.96
CA PRO A 185 -1.39 0.46 -9.44
C PRO A 185 -1.47 1.91 -9.89
N SER A 186 -2.19 2.18 -10.98
CA SER A 186 -2.33 3.56 -11.38
C SER A 186 -3.73 4.10 -11.06
N THR A 187 -4.53 3.36 -10.27
CA THR A 187 -5.78 3.91 -9.77
C THR A 187 -5.65 4.07 -8.26
N VAL A 188 -6.47 4.97 -7.71
CA VAL A 188 -6.62 5.18 -6.28
C VAL A 188 -7.15 3.89 -5.68
N TYR A 189 -8.09 3.26 -6.39
CA TYR A 189 -8.66 1.99 -5.96
C TYR A 189 -7.55 0.95 -5.79
N GLY A 190 -6.75 0.76 -6.86
CA GLY A 190 -5.65 -0.20 -6.80
C GLY A 190 -4.74 0.07 -5.59
N VAL A 191 -4.35 1.34 -5.40
CA VAL A 191 -3.54 1.78 -4.28
C VAL A 191 -4.12 1.30 -2.96
N THR A 192 -5.42 1.54 -2.77
CA THR A 192 -6.05 1.22 -1.51
C THR A 192 -6.14 -0.29 -1.35
N LYS A 193 -6.21 -1.03 -2.47
CA LYS A 193 -6.29 -2.47 -2.36
C LYS A 193 -4.92 -3.10 -2.10
N VAL A 194 -3.83 -2.52 -2.64
CA VAL A 194 -2.50 -3.00 -2.25
C VAL A 194 -2.33 -2.82 -0.73
N PHE A 195 -2.76 -1.67 -0.21
CA PHE A 195 -2.69 -1.44 1.23
C PHE A 195 -3.43 -2.55 1.95
N THR A 196 -4.61 -2.89 1.41
CA THR A 196 -5.46 -3.95 1.96
C THR A 196 -4.69 -5.27 2.07
N GLU A 197 -4.01 -5.65 0.98
CA GLU A 197 -3.26 -6.89 0.88
C GLU A 197 -2.13 -6.89 1.92
N MET A 198 -1.42 -5.79 2.03
CA MET A 198 -0.24 -5.72 2.88
C MET A 198 -0.62 -5.69 4.36
N ILE A 199 -1.55 -4.82 4.76
CA ILE A 199 -1.95 -4.80 6.16
C ILE A 199 -2.66 -6.11 6.53
N GLY A 200 -3.47 -6.65 5.61
CA GLY A 200 -4.16 -7.91 5.86
C GLY A 200 -3.17 -9.04 6.05
N THR A 201 -2.14 -9.05 5.19
CA THR A 201 -1.08 -10.05 5.29
C THR A 201 -0.29 -9.80 6.57
N TYR A 202 -0.10 -8.53 6.92
CA TYR A 202 0.57 -8.23 8.18
C TYR A 202 -0.22 -8.77 9.39
N TYR A 203 -1.54 -8.58 9.38
CA TYR A 203 -2.40 -9.08 10.45
C TYR A 203 -2.30 -10.60 10.58
N ARG A 204 -2.22 -11.29 9.42
CA ARG A 204 -2.13 -12.73 9.39
C ARG A 204 -0.81 -13.20 10.01
N GLU A 205 0.29 -12.49 9.76
CA GLU A 205 1.58 -13.02 10.18
C GLU A 205 1.87 -12.64 11.62
N LYS A 206 1.27 -11.55 12.09
CA LYS A 206 1.86 -10.95 13.28
C LYS A 206 0.80 -10.66 14.30
N MET A 207 -0.46 -10.74 13.89
CA MET A 207 -1.51 -10.28 14.78
C MET A 207 -2.54 -11.37 14.99
N GLY A 208 -2.13 -12.62 14.68
CA GLY A 208 -2.94 -13.81 14.88
C GLY A 208 -4.33 -13.69 14.25
N THR A 209 -4.43 -13.06 13.08
CA THR A 209 -5.75 -12.79 12.54
C THR A 209 -5.92 -13.58 11.25
N ASP A 210 -7.02 -14.33 11.19
CA ASP A 210 -7.31 -15.22 10.09
C ASP A 210 -7.76 -14.38 8.89
N PHE A 211 -6.80 -13.68 8.27
CA PHE A 211 -7.13 -12.89 7.08
C PHE A 211 -6.91 -13.72 5.82
N ARG A 212 -7.90 -13.69 4.92
CA ARG A 212 -7.79 -14.42 3.65
C ARG A 212 -8.35 -13.54 2.55
N SER A 213 -7.79 -13.64 1.33
CA SER A 213 -8.19 -12.75 0.24
C SER A 213 -7.96 -13.39 -1.13
N VAL A 214 -8.76 -12.98 -2.12
CA VAL A 214 -8.42 -13.26 -3.50
C VAL A 214 -8.27 -11.94 -4.23
N ARG A 215 -7.50 -11.94 -5.33
CA ARG A 215 -7.56 -10.85 -6.30
C ARG A 215 -8.66 -11.19 -7.31
N PHE A 216 -9.78 -10.46 -7.23
CA PHE A 216 -10.87 -10.64 -8.18
C PHE A 216 -10.45 -10.09 -9.54
N PRO A 217 -10.64 -10.87 -10.62
CA PRO A 217 -10.71 -10.31 -11.97
C PRO A 217 -12.01 -9.55 -12.12
N GLY A 218 -12.29 -9.02 -13.31
CA GLY A 218 -13.61 -8.46 -13.54
C GLY A 218 -14.65 -9.58 -13.42
N ILE A 219 -15.74 -9.33 -12.69
CA ILE A 219 -16.71 -10.35 -12.33
C ILE A 219 -17.97 -10.09 -13.14
N ILE A 220 -18.41 -11.11 -13.87
CA ILE A 220 -19.56 -11.01 -14.74
C ILE A 220 -20.73 -11.73 -14.09
N SER A 221 -21.87 -11.06 -14.05
CA SER A 221 -23.08 -11.61 -13.48
C SER A 221 -24.27 -11.16 -14.31
N ALA A 222 -25.23 -12.07 -14.48
CA ALA A 222 -26.47 -11.81 -15.18
C ALA A 222 -27.36 -10.84 -14.41
N ALA A 223 -27.19 -10.76 -13.08
CA ALA A 223 -28.05 -9.92 -12.24
C ALA A 223 -27.62 -8.45 -12.30
N THR A 224 -26.33 -8.19 -12.43
CA THR A 224 -25.77 -6.84 -12.43
C THR A 224 -26.38 -6.05 -13.59
N LEU A 225 -26.88 -4.86 -13.30
CA LEU A 225 -27.35 -4.02 -14.40
C LEU A 225 -26.17 -3.22 -14.93
N PRO A 226 -25.93 -3.20 -16.26
CA PRO A 226 -24.68 -2.65 -16.81
C PRO A 226 -24.53 -1.17 -16.49
N GLY A 227 -23.38 -0.77 -15.93
CA GLY A 227 -23.19 0.63 -15.61
C GLY A 227 -21.93 1.20 -16.26
N GLY A 228 -21.16 1.92 -15.42
CA GLY A 228 -19.95 2.62 -15.87
C GLY A 228 -18.64 1.98 -15.38
N GLY A 229 -18.71 0.85 -14.66
CA GLY A 229 -17.52 0.23 -14.07
C GLY A 229 -16.50 -0.16 -15.14
N ALA A 230 -15.26 -0.39 -14.71
CA ALA A 230 -14.14 -0.53 -15.63
C ALA A 230 -14.38 -1.67 -16.62
N THR A 231 -14.95 -2.76 -16.11
CA THR A 231 -15.09 -4.01 -16.84
C THR A 231 -16.55 -4.22 -17.29
N ASP A 232 -17.41 -3.20 -17.13
CA ASP A 232 -18.84 -3.37 -17.39
C ASP A 232 -19.20 -3.57 -18.86
N TYR A 233 -18.23 -3.33 -19.75
CA TYR A 233 -18.47 -3.46 -21.18
C TYR A 233 -19.05 -4.84 -21.49
N ALA A 234 -18.52 -5.88 -20.83
CA ALA A 234 -18.94 -7.25 -21.07
C ALA A 234 -20.44 -7.41 -20.84
N ILE A 235 -20.94 -6.93 -19.70
CA ILE A 235 -22.37 -6.93 -19.45
C ILE A 235 -23.12 -6.16 -20.56
N HIS A 236 -22.60 -4.99 -20.93
CA HIS A 236 -23.33 -4.19 -21.89
C HIS A 236 -23.52 -4.97 -23.19
N MET A 237 -22.45 -5.64 -23.64
CA MET A 237 -22.48 -6.40 -24.89
C MET A 237 -23.63 -7.42 -24.86
N TYR A 238 -23.77 -8.13 -23.73
CA TYR A 238 -24.78 -9.16 -23.61
C TYR A 238 -26.16 -8.54 -23.80
N HIS A 239 -26.45 -7.46 -23.07
CA HIS A 239 -27.77 -6.83 -23.13
C HIS A 239 -28.08 -6.32 -24.53
N CYS A 240 -27.06 -5.72 -25.18
CA CYS A 240 -27.21 -5.07 -26.47
C CYS A 240 -27.44 -6.13 -27.54
N ALA A 241 -26.86 -7.32 -27.30
CA ALA A 241 -27.03 -8.45 -28.18
C ALA A 241 -28.51 -8.85 -28.22
N LEU A 242 -29.11 -8.93 -27.04
CA LEU A 242 -30.47 -9.42 -26.89
C LEU A 242 -31.47 -8.37 -27.36
N LEU A 243 -31.19 -7.11 -27.05
CA LEU A 243 -32.02 -6.00 -27.51
C LEU A 243 -31.82 -5.78 -29.00
N GLY A 244 -30.75 -6.37 -29.57
CA GLY A 244 -30.38 -6.21 -30.97
C GLY A 244 -29.95 -4.77 -31.32
N LYS A 245 -29.32 -4.06 -30.39
CA LYS A 245 -28.92 -2.68 -30.61
C LYS A 245 -27.40 -2.57 -30.71
N LYS A 246 -26.92 -1.42 -31.20
CA LYS A 246 -25.51 -1.18 -31.42
C LYS A 246 -24.84 -0.98 -30.06
N TYR A 247 -23.64 -1.50 -29.90
CA TYR A 247 -22.96 -1.20 -28.66
C TYR A 247 -21.78 -0.31 -28.97
N VAL A 248 -21.64 0.77 -28.20
CA VAL A 248 -20.42 1.53 -28.25
C VAL A 248 -19.51 1.06 -27.11
N CYS A 249 -18.38 0.46 -27.48
CA CYS A 249 -17.50 -0.13 -26.47
C CYS A 249 -16.38 0.83 -26.12
N PRO A 250 -16.22 1.21 -24.82
CA PRO A 250 -15.12 2.08 -24.35
C PRO A 250 -13.79 1.36 -24.09
N VAL A 251 -13.77 0.05 -24.22
CA VAL A 251 -12.52 -0.64 -24.03
C VAL A 251 -11.96 -0.97 -25.42
N ARG A 252 -10.64 -0.84 -25.58
CA ARG A 252 -10.05 -1.01 -26.90
C ARG A 252 -10.34 -2.43 -27.35
N ARG A 253 -10.55 -2.59 -28.66
CA ARG A 253 -11.10 -3.80 -29.28
C ARG A 253 -10.21 -5.01 -29.02
N ASP A 254 -8.93 -4.78 -28.67
CA ASP A 254 -8.02 -5.87 -28.50
C ASP A 254 -7.38 -5.82 -27.11
N GLU A 255 -8.08 -5.20 -26.16
CA GLU A 255 -7.55 -5.12 -24.81
C GLU A 255 -7.98 -6.35 -24.03
N PRO A 256 -7.05 -7.26 -23.67
CA PRO A 256 -7.39 -8.46 -22.91
C PRO A 256 -7.57 -8.08 -21.44
N LEU A 257 -8.47 -8.80 -20.77
CA LEU A 257 -8.61 -8.67 -19.33
C LEU A 257 -8.89 -10.03 -18.72
N PRO A 258 -8.35 -10.31 -17.52
CA PRO A 258 -8.80 -11.45 -16.72
C PRO A 258 -10.23 -11.18 -16.28
N MET A 259 -11.11 -12.16 -16.55
CA MET A 259 -12.53 -12.08 -16.25
C MET A 259 -12.94 -13.39 -15.57
N LEU A 260 -14.11 -13.35 -14.91
CA LEU A 260 -14.54 -14.49 -14.12
C LEU A 260 -16.05 -14.46 -14.02
N TYR A 261 -16.66 -15.63 -14.16
CA TYR A 261 -18.10 -15.72 -14.09
C TYR A 261 -18.52 -15.85 -12.63
N MET A 262 -19.59 -15.12 -12.23
CA MET A 262 -20.00 -15.01 -10.84
C MET A 262 -20.00 -16.37 -10.13
N PRO A 263 -20.61 -17.44 -10.69
CA PRO A 263 -20.68 -18.73 -9.99
C PRO A 263 -19.30 -19.24 -9.60
N ASP A 264 -18.32 -19.10 -10.48
CA ASP A 264 -16.96 -19.53 -10.15
C ASP A 264 -16.36 -18.58 -9.13
N ALA A 265 -16.74 -17.30 -9.17
CA ALA A 265 -16.25 -16.37 -8.17
C ALA A 265 -16.67 -16.82 -6.78
N LEU A 266 -17.96 -17.14 -6.62
CA LEU A 266 -18.53 -17.54 -5.34
C LEU A 266 -17.97 -18.90 -4.91
N GLY A 267 -17.83 -19.81 -5.88
CA GLY A 267 -17.10 -21.06 -5.66
C GLY A 267 -15.77 -20.86 -4.96
N GLY A 268 -14.96 -19.90 -5.46
CA GLY A 268 -13.61 -19.63 -4.99
C GLY A 268 -13.52 -19.07 -3.57
N VAL A 269 -14.31 -18.02 -3.32
CA VAL A 269 -14.45 -17.35 -2.03
C VAL A 269 -14.89 -18.36 -0.95
N ILE A 270 -15.91 -19.16 -1.28
CA ILE A 270 -16.43 -20.12 -0.31
C ILE A 270 -15.40 -21.22 -0.05
N LYS A 271 -14.83 -21.77 -1.14
CA LYS A 271 -13.80 -22.79 -0.96
C LYS A 271 -12.65 -22.21 -0.13
N LEU A 272 -12.22 -20.96 -0.43
CA LEU A 272 -11.11 -20.36 0.29
C LEU A 272 -11.49 -20.16 1.76
N MET A 273 -12.71 -19.68 2.02
CA MET A 273 -13.14 -19.40 3.38
C MET A 273 -13.30 -20.69 4.19
N GLU A 274 -13.48 -21.84 3.51
CA GLU A 274 -13.56 -23.13 4.16
C GLU A 274 -12.20 -23.83 4.27
N ALA A 275 -11.14 -23.28 3.66
CA ALA A 275 -9.88 -24.03 3.57
C ALA A 275 -9.19 -24.14 4.93
N SER A 276 -8.45 -25.22 5.10
CA SER A 276 -7.68 -25.39 6.32
C SER A 276 -6.51 -24.40 6.32
N ASP A 277 -6.34 -23.68 7.44
CA ASP A 277 -5.26 -22.71 7.58
C ASP A 277 -3.92 -23.28 7.13
N SER A 278 -3.75 -24.59 7.27
CA SER A 278 -2.40 -25.10 7.10
C SER A 278 -2.13 -25.38 5.62
N CYS A 279 -3.16 -25.25 4.78
CA CYS A 279 -2.93 -25.30 3.35
C CYS A 279 -2.59 -23.92 2.80
N LEU A 280 -2.97 -22.87 3.53
CA LEU A 280 -2.79 -21.50 3.03
C LEU A 280 -1.33 -21.07 3.16
N LYS A 281 -0.55 -21.24 2.09
CA LYS A 281 0.82 -20.77 2.06
C LYS A 281 0.84 -19.24 1.97
N ARG A 282 -0.14 -18.63 1.30
CA ARG A 282 -0.19 -17.17 1.26
C ARG A 282 -1.49 -16.66 1.88
N ALA A 283 -1.61 -15.33 1.99
CA ALA A 283 -2.82 -14.70 2.46
C ALA A 283 -3.71 -14.26 1.29
N VAL A 284 -3.10 -13.77 0.20
CA VAL A 284 -3.82 -13.25 -0.96
C VAL A 284 -3.49 -14.12 -2.17
N TYR A 285 -4.50 -14.43 -3.00
CA TYR A 285 -4.28 -15.33 -4.11
C TYR A 285 -4.96 -14.82 -5.37
N ASN A 286 -4.24 -14.85 -6.49
CA ASN A 286 -4.88 -14.63 -7.78
C ASN A 286 -5.94 -15.71 -7.98
N ILE A 287 -7.15 -15.31 -8.36
CA ILE A 287 -8.06 -16.30 -8.90
C ILE A 287 -8.42 -15.88 -10.31
N SER A 288 -8.57 -16.85 -11.20
CA SER A 288 -8.82 -16.42 -12.55
C SER A 288 -9.90 -17.29 -13.13
N GLY A 289 -10.53 -16.78 -14.17
CA GLY A 289 -11.50 -17.56 -14.91
C GLY A 289 -11.05 -17.71 -16.36
N PHE A 290 -10.91 -16.59 -17.06
CA PHE A 290 -10.50 -16.63 -18.45
C PHE A 290 -10.06 -15.21 -18.76
N SER A 291 -9.28 -15.02 -19.82
CA SER A 291 -9.07 -13.66 -20.28
C SER A 291 -9.59 -13.50 -21.71
N PHE A 292 -9.98 -12.30 -22.08
CA PHE A 292 -10.49 -12.07 -23.43
C PHE A 292 -10.50 -10.58 -23.74
N THR A 293 -10.61 -10.28 -25.03
CA THR A 293 -10.74 -8.93 -25.50
C THR A 293 -12.22 -8.67 -25.84
N PRO A 294 -12.63 -7.40 -26.06
CA PRO A 294 -14.01 -7.12 -26.47
C PRO A 294 -14.38 -7.90 -27.74
N GLU A 295 -13.43 -7.98 -28.69
CA GLU A 295 -13.61 -8.62 -29.98
C GLU A 295 -13.88 -10.12 -29.80
N GLN A 296 -13.14 -10.77 -28.87
CA GLN A 296 -13.35 -12.18 -28.51
C GLN A 296 -14.70 -12.36 -27.83
N LEU A 297 -15.08 -11.48 -26.89
CA LEU A 297 -16.39 -11.63 -26.26
C LEU A 297 -17.51 -11.54 -27.30
N ARG A 298 -17.45 -10.55 -28.17
CA ARG A 298 -18.40 -10.37 -29.27
C ARG A 298 -18.48 -11.63 -30.14
N ALA A 299 -17.33 -12.24 -30.47
CA ALA A 299 -17.30 -13.44 -31.31
C ALA A 299 -18.11 -14.56 -30.63
N SER A 300 -17.89 -14.74 -29.32
CA SER A 300 -18.64 -15.69 -28.49
C SER A 300 -20.14 -15.42 -28.57
N ILE A 301 -20.54 -14.15 -28.49
CA ILE A 301 -21.94 -13.76 -28.50
C ILE A 301 -22.52 -14.05 -29.88
N GLU A 302 -21.84 -13.59 -30.93
CA GLU A 302 -22.23 -13.85 -32.32
C GLU A 302 -22.42 -15.35 -32.57
N ALA A 303 -21.41 -16.15 -32.21
CA ALA A 303 -21.45 -17.58 -32.46
C ALA A 303 -22.70 -18.18 -31.80
N ARG A 304 -22.97 -17.73 -30.56
CA ARG A 304 -24.06 -18.26 -29.78
C ARG A 304 -25.40 -17.85 -30.37
N MET A 305 -25.48 -16.61 -30.85
CA MET A 305 -26.75 -16.07 -31.29
C MET A 305 -26.98 -16.31 -32.78
N LYS A 306 -25.95 -16.76 -33.49
CA LYS A 306 -26.09 -16.95 -34.93
C LYS A 306 -26.64 -15.67 -35.57
N ARG A 307 -26.09 -14.53 -35.14
CA ARG A 307 -26.37 -13.23 -35.75
C ARG A 307 -25.33 -12.19 -35.30
N PRO A 308 -25.09 -11.13 -36.11
CA PRO A 308 -24.04 -10.13 -35.81
C PRO A 308 -24.40 -9.29 -34.59
N LEU A 309 -23.40 -9.00 -33.76
CA LEU A 309 -23.49 -7.93 -32.78
C LEU A 309 -22.75 -6.71 -33.33
N GLU A 310 -23.47 -5.60 -33.48
CA GLU A 310 -22.86 -4.38 -33.97
C GLU A 310 -22.10 -3.66 -32.84
N VAL A 311 -20.77 -3.56 -32.98
CA VAL A 311 -19.99 -2.84 -31.98
C VAL A 311 -19.23 -1.68 -32.64
N GLU A 312 -19.25 -0.51 -31.98
CA GLU A 312 -18.40 0.60 -32.38
C GLU A 312 -17.41 0.88 -31.23
N TYR A 313 -16.12 0.96 -31.57
CA TYR A 313 -15.07 1.18 -30.58
C TYR A 313 -14.71 2.66 -30.47
N VAL A 314 -15.16 3.26 -29.37
CA VAL A 314 -14.88 4.65 -29.05
C VAL A 314 -14.24 4.64 -27.67
N GLU A 315 -12.93 4.89 -27.61
CA GLU A 315 -12.22 4.79 -26.35
C GLU A 315 -12.87 5.73 -25.33
N GLY A 316 -13.19 5.14 -24.17
CA GLY A 316 -13.64 5.83 -22.97
C GLY A 316 -12.60 5.69 -21.87
N PRO A 317 -12.89 6.20 -20.66
CA PRO A 317 -11.91 6.16 -19.56
C PRO A 317 -11.55 4.76 -19.05
N ALA A 318 -12.40 3.78 -19.29
CA ALA A 318 -12.13 2.41 -18.88
C ALA A 318 -10.82 1.89 -19.51
N GLN A 319 -10.46 2.44 -20.68
CA GLN A 319 -9.39 1.85 -21.47
C GLN A 319 -8.04 2.13 -20.82
N SER A 320 -7.81 3.37 -20.35
CA SER A 320 -6.47 3.56 -19.80
C SER A 320 -6.29 2.81 -18.48
N ILE A 321 -7.39 2.60 -17.75
CA ILE A 321 -7.37 1.80 -16.53
C ILE A 321 -7.06 0.35 -16.90
N ALA A 322 -7.89 -0.21 -17.79
CA ALA A 322 -7.78 -1.58 -18.29
C ALA A 322 -6.39 -1.81 -18.87
N HIS A 323 -5.85 -0.84 -19.58
CA HIS A 323 -4.56 -1.02 -20.20
C HIS A 323 -3.49 -1.24 -19.13
N SER A 324 -3.73 -0.73 -17.91
CA SER A 324 -2.68 -0.82 -16.91
C SER A 324 -2.80 -2.13 -16.12
N TRP A 325 -3.84 -2.93 -16.41
CA TRP A 325 -4.11 -4.15 -15.67
C TRP A 325 -3.48 -5.34 -16.38
N PRO A 326 -3.40 -6.55 -15.77
CA PRO A 326 -2.91 -7.74 -16.47
C PRO A 326 -3.82 -8.10 -17.64
N ASP A 327 -3.25 -8.82 -18.60
CA ASP A 327 -3.96 -9.45 -19.70
C ASP A 327 -4.58 -10.76 -19.20
N SER A 328 -3.85 -11.47 -18.34
CA SER A 328 -4.25 -12.77 -17.85
C SER A 328 -3.54 -13.01 -16.52
N LEU A 329 -4.13 -13.86 -15.67
CA LEU A 329 -3.58 -14.08 -14.34
C LEU A 329 -3.09 -15.51 -14.19
N ASP A 330 -2.05 -15.70 -13.39
CA ASP A 330 -1.64 -17.04 -13.01
C ASP A 330 -2.21 -17.34 -11.63
N ASP A 331 -3.11 -18.35 -11.54
CA ASP A 331 -3.78 -18.64 -10.30
C ASP A 331 -3.40 -20.04 -9.81
N SER A 332 -2.30 -20.57 -10.34
CA SER A 332 -1.79 -21.88 -9.93
C SER A 332 -1.65 -22.03 -8.40
N ASN A 333 -1.16 -21.01 -7.67
CA ASN A 333 -1.10 -21.14 -6.22
C ASN A 333 -2.46 -21.41 -5.56
N ALA A 334 -3.55 -20.82 -6.09
CA ALA A 334 -4.90 -21.05 -5.56
C ALA A 334 -5.36 -22.47 -5.87
N ARG A 335 -5.04 -22.96 -7.07
CA ARG A 335 -5.30 -24.32 -7.49
C ARG A 335 -4.63 -25.31 -6.55
N GLN A 336 -3.31 -25.12 -6.34
CA GLN A 336 -2.45 -26.03 -5.62
C GLN A 336 -2.79 -26.06 -4.13
N ASP A 337 -2.86 -24.89 -3.48
CA ASP A 337 -2.95 -24.83 -2.02
C ASP A 337 -4.33 -25.22 -1.52
N TRP A 338 -5.40 -24.71 -2.15
CA TRP A 338 -6.71 -24.90 -1.55
C TRP A 338 -7.74 -25.46 -2.54
N GLY A 339 -7.27 -25.85 -3.73
CA GLY A 339 -8.13 -26.54 -4.67
C GLY A 339 -9.03 -25.60 -5.46
N TYR A 340 -8.64 -24.33 -5.65
CA TYR A 340 -9.47 -23.46 -6.49
C TYR A 340 -9.72 -24.13 -7.83
N GLU A 341 -10.96 -24.06 -8.36
CA GLU A 341 -11.26 -24.56 -9.71
C GLU A 341 -12.39 -23.74 -10.34
N THR A 342 -12.59 -23.91 -11.65
CA THR A 342 -13.67 -23.21 -12.34
C THR A 342 -14.46 -24.16 -13.23
N LYS A 343 -15.71 -23.79 -13.58
CA LYS A 343 -16.58 -24.64 -14.38
C LYS A 343 -17.07 -23.93 -15.66
N TYR A 344 -16.79 -22.64 -15.81
CA TYR A 344 -17.23 -21.91 -16.98
C TYR A 344 -16.04 -21.42 -17.80
N ASP A 345 -16.03 -21.75 -19.09
CA ASP A 345 -15.28 -21.02 -20.08
C ASP A 345 -16.21 -19.96 -20.67
N VAL A 346 -15.70 -19.22 -21.63
CA VAL A 346 -16.38 -18.04 -22.10
C VAL A 346 -17.71 -18.45 -22.75
N ASP A 347 -17.68 -19.50 -23.57
CA ASP A 347 -18.87 -19.87 -24.34
C ASP A 347 -19.96 -20.38 -23.41
N LYS A 348 -19.55 -21.06 -22.34
CA LYS A 348 -20.52 -21.58 -21.39
C LYS A 348 -21.10 -20.43 -20.55
N MET A 349 -20.32 -19.34 -20.39
CA MET A 349 -20.81 -18.19 -19.63
C MET A 349 -21.74 -17.39 -20.53
N THR A 350 -21.34 -17.26 -21.80
CA THR A 350 -22.16 -16.64 -22.83
C THR A 350 -23.53 -17.30 -22.94
N ASP A 351 -23.57 -18.64 -22.96
CA ASP A 351 -24.84 -19.34 -23.11
C ASP A 351 -25.70 -19.02 -21.89
N ASP A 352 -25.07 -19.11 -20.71
CA ASP A 352 -25.79 -18.90 -19.47
C ASP A 352 -26.33 -17.48 -19.37
N MET A 353 -25.46 -16.48 -19.65
CA MET A 353 -25.84 -15.08 -19.58
C MET A 353 -27.02 -14.84 -20.52
N LEU A 354 -26.99 -15.42 -21.74
CA LEU A 354 -28.00 -15.09 -22.75
C LEU A 354 -29.36 -15.71 -22.42
N ARG A 355 -29.37 -16.74 -21.57
CA ARG A 355 -30.61 -17.33 -21.09
C ARG A 355 -31.06 -16.57 -19.83
N GLN A 356 -30.09 -16.12 -19.04
CA GLN A 356 -30.39 -15.65 -17.70
C GLN A 356 -30.91 -14.23 -17.73
N ILE A 357 -30.31 -13.40 -18.58
CA ILE A 357 -30.64 -11.98 -18.64
C ILE A 357 -32.11 -11.80 -19.03
N PRO A 358 -32.63 -12.43 -20.12
CA PRO A 358 -34.05 -12.32 -20.45
C PRO A 358 -34.97 -12.56 -19.25
N VAL A 359 -34.59 -13.51 -18.39
CA VAL A 359 -35.39 -13.97 -17.26
C VAL A 359 -35.26 -12.98 -16.09
N LEU A 360 -34.06 -12.42 -15.90
CA LEU A 360 -33.85 -11.60 -14.72
C LEU A 360 -34.23 -10.15 -14.99
N HIS A 361 -34.23 -9.75 -16.27
CA HIS A 361 -34.42 -8.35 -16.62
C HIS A 361 -35.62 -8.14 -17.54
N GLY A 362 -36.18 -9.23 -18.06
CA GLY A 362 -37.29 -9.14 -18.99
C GLY A 362 -36.88 -8.68 -20.40
N LEU A 363 -35.58 -8.78 -20.72
CA LEU A 363 -35.09 -8.47 -22.07
C LEU A 363 -35.62 -9.52 -23.05
N PRO A 364 -35.62 -9.28 -24.40
CA PRO A 364 -36.08 -10.27 -25.37
C PRO A 364 -35.18 -11.50 -25.40
N SER A 365 -35.80 -12.69 -25.33
CA SER A 365 -35.05 -13.93 -25.18
C SER A 365 -34.66 -14.51 -26.53
N LEU A 366 -33.85 -15.58 -26.51
CA LEU A 366 -33.41 -16.26 -27.73
C LEU A 366 -34.56 -17.11 -28.30
N VAL B 47 15.02 31.61 -4.83
CA VAL B 47 15.38 30.75 -3.66
C VAL B 47 14.15 30.05 -3.10
N PRO B 48 14.17 28.72 -2.97
CA PRO B 48 13.05 27.97 -2.39
C PRO B 48 12.63 28.46 -1.00
N ARG B 49 11.30 28.52 -0.79
CA ARG B 49 10.75 28.70 0.55
C ARG B 49 10.36 27.32 1.05
N VAL B 50 10.87 26.99 2.23
CA VAL B 50 10.92 25.60 2.62
C VAL B 50 10.19 25.42 3.94
N LEU B 51 9.20 24.52 3.92
CA LEU B 51 8.55 24.02 5.12
C LEU B 51 8.95 22.57 5.35
N ILE B 52 9.47 22.31 6.55
CA ILE B 52 9.78 20.96 6.99
C ILE B 52 8.77 20.61 8.07
N THR B 53 8.09 19.46 7.94
CA THR B 53 7.24 18.95 9.01
C THR B 53 7.90 17.73 9.66
N GLY B 54 7.48 17.43 10.90
CA GLY B 54 8.21 16.50 11.75
C GLY B 54 9.70 16.82 11.84
N GLY B 55 10.04 18.08 12.14
CA GLY B 55 11.42 18.52 12.00
C GLY B 55 12.29 18.30 13.25
N LEU B 56 11.74 17.74 14.33
CA LEU B 56 12.57 17.52 15.51
C LEU B 56 13.38 16.24 15.34
N GLY B 57 13.01 15.39 14.38
CA GLY B 57 13.73 14.14 14.18
C GLY B 57 15.14 14.41 13.66
N GLN B 58 15.98 13.36 13.62
CA GLN B 58 17.39 13.49 13.23
C GLN B 58 17.48 14.11 11.83
N ILE B 59 16.79 13.49 10.86
CA ILE B 59 16.76 13.98 9.49
C ILE B 59 16.26 15.42 9.48
N GLY B 60 15.13 15.70 10.15
CA GLY B 60 14.52 17.03 10.13
C GLY B 60 15.44 18.12 10.69
N THR B 61 16.17 17.78 11.75
CA THR B 61 17.08 18.70 12.43
C THR B 61 18.27 19.04 11.54
N ASP B 62 18.97 18.01 11.05
CA ASP B 62 20.10 18.20 10.15
C ASP B 62 19.67 18.90 8.86
N LEU B 63 18.49 18.53 8.33
CA LEU B 63 17.97 19.11 7.09
C LEU B 63 17.66 20.59 7.31
N THR B 64 17.07 20.92 8.47
CA THR B 64 16.83 22.33 8.79
C THR B 64 18.16 23.11 8.74
N LEU B 65 19.19 22.57 9.40
CA LEU B 65 20.46 23.26 9.53
C LEU B 65 21.15 23.43 8.16
N ALA B 66 21.15 22.36 7.36
CA ALA B 66 21.78 22.41 6.05
C ALA B 66 21.07 23.44 5.19
N LEU B 67 19.75 23.53 5.34
CA LEU B 67 19.01 24.35 4.40
C LEU B 67 19.05 25.81 4.82
N ARG B 68 19.23 26.08 6.12
CA ARG B 68 19.47 27.44 6.60
C ARG B 68 20.80 27.95 6.06
N GLU B 69 21.85 27.14 6.27
CA GLU B 69 23.18 27.40 5.72
C GLU B 69 23.07 27.69 4.23
N LYS B 70 22.23 26.92 3.51
CA LYS B 70 22.20 26.95 2.06
C LYS B 70 21.36 28.11 1.54
N PHE B 71 20.21 28.38 2.17
CA PHE B 71 19.26 29.31 1.59
C PHE B 71 18.98 30.47 2.52
N GLY B 72 19.57 30.43 3.73
CA GLY B 72 19.30 31.50 4.66
C GLY B 72 18.16 31.14 5.59
N ALA B 73 18.31 31.54 6.86
CA ALA B 73 17.47 31.11 7.95
C ALA B 73 16.03 31.54 7.70
N ASP B 74 15.84 32.64 6.97
CA ASP B 74 14.52 33.21 6.84
C ASP B 74 13.70 32.50 5.77
N SER B 75 14.35 31.65 4.97
CA SER B 75 13.63 30.94 3.91
C SER B 75 13.20 29.54 4.36
N VAL B 76 13.47 29.19 5.63
CA VAL B 76 13.25 27.84 6.12
C VAL B 76 12.32 27.89 7.33
N LEU B 77 11.22 27.14 7.30
CA LEU B 77 10.39 27.01 8.48
C LEU B 77 10.26 25.53 8.84
N THR B 78 10.66 25.20 10.07
CA THR B 78 10.57 23.86 10.62
C THR B 78 9.37 23.80 11.56
N SER B 79 8.70 22.65 11.61
CA SER B 79 7.54 22.47 12.46
C SER B 79 7.58 21.05 13.00
N ASP B 80 6.97 20.89 14.17
CA ASP B 80 6.80 19.60 14.82
C ASP B 80 5.75 19.78 15.92
N LEU B 81 5.42 18.69 16.61
CA LEU B 81 4.31 18.67 17.56
C LEU B 81 4.59 19.59 18.74
N VAL B 82 5.82 19.60 19.25
CA VAL B 82 6.11 20.28 20.50
C VAL B 82 7.24 21.29 20.30
N THR B 83 7.42 22.17 21.28
CA THR B 83 8.51 23.14 21.31
C THR B 83 9.86 22.39 21.44
N PRO B 84 10.93 22.78 20.68
CA PRO B 84 12.21 22.06 20.73
C PRO B 84 12.64 21.89 22.18
N PRO B 85 13.04 20.68 22.64
CA PRO B 85 13.59 20.51 23.99
C PRO B 85 14.83 21.38 24.18
N GLU B 86 15.08 21.78 25.43
CA GLU B 86 16.11 22.76 25.77
C GLU B 86 17.49 22.29 25.30
N LYS B 87 17.71 20.97 25.24
CA LYS B 87 18.99 20.38 24.85
C LYS B 87 19.08 20.22 23.31
N HIS B 88 17.92 20.10 22.64
CA HIS B 88 17.80 19.89 21.20
C HIS B 88 18.42 21.04 20.39
N PRO B 89 19.13 20.73 19.26
CA PRO B 89 19.75 21.74 18.37
C PRO B 89 18.90 22.86 17.78
N LEU B 90 17.57 22.72 17.83
CA LEU B 90 16.68 23.75 17.31
C LEU B 90 16.08 24.58 18.44
N ALA B 91 16.52 24.32 19.68
CA ALA B 91 15.93 24.92 20.87
C ALA B 91 16.16 26.43 20.87
N GLY B 92 15.23 27.15 21.51
CA GLY B 92 15.35 28.59 21.67
C GLY B 92 15.18 29.32 20.34
N GLY B 93 15.96 28.89 19.33
CA GLY B 93 15.92 29.44 17.99
C GLY B 93 14.51 29.74 17.48
N LYS B 94 14.44 30.73 16.58
CA LYS B 94 13.23 31.12 15.88
C LYS B 94 13.07 30.21 14.64
N GLY B 95 12.27 30.68 13.67
CA GLY B 95 11.94 29.88 12.49
C GLY B 95 11.33 28.52 12.83
N TYR B 96 10.73 28.38 14.00
CA TYR B 96 10.11 27.12 14.38
C TYR B 96 8.62 27.34 14.64
N GLN B 97 7.78 26.43 14.13
CA GLN B 97 6.35 26.51 14.36
C GLN B 97 5.81 25.17 14.84
N HIS B 98 4.88 25.24 15.81
CA HIS B 98 4.09 24.09 16.25
C HIS B 98 3.13 23.73 15.13
N LEU B 99 3.08 22.44 14.75
CA LEU B 99 2.01 21.94 13.91
C LEU B 99 1.76 20.46 14.17
N ASN B 100 0.49 20.14 14.45
CA ASN B 100 0.00 18.78 14.36
C ASN B 100 -0.45 18.52 12.93
N CYS B 101 0.32 17.70 12.22
CA CYS B 101 0.10 17.39 10.81
C CYS B 101 -1.16 16.57 10.59
N MET B 102 -1.67 15.96 11.66
CA MET B 102 -2.93 15.25 11.65
C MET B 102 -4.11 16.22 11.47
N ASP B 103 -3.93 17.45 11.96
CA ASP B 103 -4.95 18.49 11.86
C ASP B 103 -4.85 19.19 10.51
N ARG B 104 -5.74 18.84 9.58
CA ARG B 104 -5.61 19.31 8.21
C ARG B 104 -5.73 20.83 8.09
N ASP B 105 -6.66 21.43 8.86
CA ASP B 105 -6.87 22.87 8.80
C ASP B 105 -5.62 23.60 9.29
N ALA B 106 -5.05 23.18 10.43
CA ALA B 106 -3.83 23.83 10.90
C ALA B 106 -2.73 23.64 9.86
N TYR B 107 -2.70 22.48 9.19
CA TYR B 107 -1.66 22.20 8.21
C TYR B 107 -1.86 23.13 7.01
N GLU B 108 -3.12 23.29 6.58
CA GLU B 108 -3.37 24.14 5.43
C GLU B 108 -3.06 25.58 5.79
N LYS B 109 -3.48 26.00 7.00
CA LYS B 109 -3.22 27.37 7.39
C LYS B 109 -1.72 27.65 7.27
N LEU B 110 -0.88 26.80 7.87
CA LEU B 110 0.56 27.04 7.89
C LEU B 110 1.10 27.18 6.47
N VAL B 111 0.57 26.39 5.52
CA VAL B 111 1.04 26.42 4.12
C VAL B 111 0.55 27.69 3.42
N LYS B 112 -0.68 28.12 3.73
CA LYS B 112 -1.24 29.36 3.21
C LYS B 112 -0.46 30.54 3.76
N ASP B 113 -0.09 30.47 5.05
CA ASP B 113 0.60 31.58 5.69
C ASP B 113 2.00 31.70 5.10
N PHE B 114 2.85 30.69 5.32
CA PHE B 114 4.26 30.73 4.93
C PHE B 114 4.46 30.67 3.42
N LYS B 115 3.59 29.98 2.69
CA LYS B 115 3.68 29.82 1.22
C LYS B 115 5.01 29.16 0.80
N PRO B 116 5.33 27.97 1.31
CA PRO B 116 6.58 27.30 0.93
C PRO B 116 6.55 26.85 -0.52
N THR B 117 7.72 26.72 -1.14
CA THR B 117 7.70 26.17 -2.50
C THR B 117 8.08 24.69 -2.45
N TRP B 118 8.84 24.32 -1.40
CA TRP B 118 9.27 22.99 -1.06
C TRP B 118 8.65 22.61 0.28
N LEU B 119 8.15 21.35 0.36
CA LEU B 119 7.67 20.72 1.58
C LEU B 119 8.42 19.42 1.83
N PHE B 120 8.90 19.27 3.07
CA PHE B 120 9.48 18.03 3.51
C PHE B 120 8.58 17.47 4.61
N HIS B 121 7.75 16.49 4.24
CA HIS B 121 6.86 15.84 5.18
C HIS B 121 7.56 14.63 5.80
N LEU B 122 8.13 14.84 6.99
CA LEU B 122 9.01 13.88 7.63
C LEU B 122 8.36 13.11 8.77
N PRO B 123 7.20 13.50 9.35
CA PRO B 123 6.69 12.80 10.54
C PRO B 123 6.35 11.35 10.20
N ALA B 124 6.77 10.43 11.08
CA ALA B 124 6.53 9.01 10.89
C ALA B 124 6.68 8.24 12.21
N ILE B 125 5.89 7.19 12.39
CA ILE B 125 6.19 6.18 13.40
C ILE B 125 6.99 5.09 12.70
N MET B 126 8.19 4.78 13.22
CA MET B 126 9.14 3.91 12.54
C MET B 126 9.02 2.48 13.08
N SER B 127 9.82 1.57 12.53
CA SER B 127 9.76 0.14 12.82
C SER B 127 9.28 -0.15 14.23
N VAL B 128 10.05 0.34 15.21
CA VAL B 128 9.99 -0.11 16.60
C VAL B 128 8.64 0.22 17.18
N ARG B 129 8.35 1.52 17.29
CA ARG B 129 7.13 1.98 17.93
C ARG B 129 5.94 1.54 17.09
N GLY B 130 6.16 1.42 15.78
CA GLY B 130 5.16 0.90 14.85
C GLY B 130 4.69 -0.49 15.24
N GLU B 131 5.62 -1.37 15.65
CA GLU B 131 5.23 -2.71 16.08
C GLU B 131 4.43 -2.66 17.39
N ALA B 132 4.78 -1.72 18.27
CA ALA B 132 4.18 -1.63 19.60
C ALA B 132 2.81 -0.96 19.55
N GLU B 133 2.59 -0.10 18.55
CA GLU B 133 1.29 0.56 18.41
C GLU B 133 0.93 0.72 16.94
N PRO B 134 0.50 -0.36 16.26
CA PRO B 134 0.18 -0.27 14.84
C PRO B 134 -0.91 0.78 14.51
N GLN B 135 -1.79 1.02 15.49
CA GLN B 135 -2.92 1.92 15.34
C GLN B 135 -2.41 3.33 15.12
N LEU B 136 -1.54 3.77 16.03
CA LEU B 136 -0.89 5.07 15.90
C LEU B 136 -0.16 5.14 14.56
N ALA B 137 0.65 4.13 14.23
CA ALA B 137 1.47 4.18 13.03
C ALA B 137 0.57 4.43 11.81
N MET B 138 -0.52 3.67 11.69
CA MET B 138 -1.35 3.80 10.51
C MET B 138 -2.01 5.18 10.50
N ASN B 139 -2.47 5.63 11.67
CA ASN B 139 -3.05 6.95 11.84
C ASN B 139 -2.15 8.06 11.30
N LEU B 140 -0.97 8.23 11.92
CA LEU B 140 -0.10 9.33 11.55
C LEU B 140 0.42 9.14 10.13
N ASN B 141 1.02 7.98 9.87
CA ASN B 141 1.71 7.79 8.60
C ASN B 141 0.76 7.96 7.42
N ILE B 142 -0.45 7.37 7.48
CA ILE B 142 -1.36 7.44 6.33
C ILE B 142 -2.05 8.80 6.23
N ASN B 143 -2.70 9.26 7.30
CA ASN B 143 -3.54 10.46 7.26
C ASN B 143 -2.70 11.73 7.03
N SER B 144 -1.57 11.86 7.74
CA SER B 144 -0.75 13.05 7.56
C SER B 144 -0.10 13.07 6.18
N THR B 145 0.25 11.90 5.64
CA THR B 145 0.71 11.81 4.27
C THR B 145 -0.37 12.29 3.29
N ARG B 146 -1.64 11.91 3.54
CA ARG B 146 -2.72 12.31 2.65
C ARG B 146 -2.85 13.83 2.68
N HIS B 147 -2.67 14.45 3.87
CA HIS B 147 -2.78 15.88 3.99
C HIS B 147 -1.63 16.55 3.25
N ALA B 148 -0.42 15.99 3.43
CA ALA B 148 0.74 16.58 2.75
C ALA B 148 0.51 16.64 1.24
N LEU B 149 0.05 15.53 0.65
CA LEU B 149 -0.05 15.44 -0.80
C LEU B 149 -1.15 16.37 -1.32
N ASP B 150 -2.28 16.42 -0.59
CA ASP B 150 -3.38 17.29 -0.98
C ASP B 150 -2.92 18.74 -1.03
N LEU B 151 -2.10 19.11 -0.03
CA LEU B 151 -1.62 20.47 0.09
C LEU B 151 -0.56 20.79 -0.98
N ALA B 152 0.37 19.85 -1.25
CA ALA B 152 1.31 20.00 -2.36
C ALA B 152 0.58 20.19 -3.68
N ARG B 153 -0.43 19.34 -3.94
CA ARG B 153 -1.27 19.49 -5.12
C ARG B 153 -1.79 20.93 -5.18
N ASP B 154 -2.54 21.32 -4.13
CA ASP B 154 -3.35 22.53 -4.15
C ASP B 154 -2.48 23.80 -4.08
N TYR B 155 -1.40 23.76 -3.32
CA TYR B 155 -0.57 24.94 -3.23
C TYR B 155 0.70 24.75 -4.03
N LYS B 156 0.74 23.70 -4.86
CA LYS B 156 1.75 23.54 -5.87
C LYS B 156 3.11 23.53 -5.19
N MET B 157 3.32 22.55 -4.32
CA MET B 157 4.63 22.47 -3.71
C MET B 157 5.38 21.28 -4.29
N ARG B 158 6.70 21.42 -4.34
CA ARG B 158 7.56 20.27 -4.57
C ARG B 158 7.59 19.55 -3.24
N CYS B 159 7.20 18.28 -3.23
CA CYS B 159 6.81 17.61 -2.00
C CYS B 159 7.67 16.37 -1.80
N PHE B 160 8.54 16.42 -0.79
CA PHE B 160 9.32 15.26 -0.42
C PHE B 160 8.70 14.52 0.75
N ILE B 161 8.38 13.24 0.54
CA ILE B 161 7.98 12.36 1.64
C ILE B 161 8.85 11.09 1.58
N PRO B 162 9.69 10.84 2.61
CA PRO B 162 10.71 9.80 2.55
C PRO B 162 10.02 8.45 2.64
N SER B 163 10.54 7.47 1.91
CA SER B 163 10.26 6.08 2.18
C SER B 163 11.49 5.46 2.84
N THR B 164 11.59 4.13 2.78
CA THR B 164 12.49 3.47 3.70
C THR B 164 12.74 2.07 3.19
N ILE B 165 13.85 1.47 3.63
CA ILE B 165 14.13 0.09 3.27
C ILE B 165 13.10 -0.85 3.90
N ALA B 166 12.31 -0.36 4.87
CA ALA B 166 11.32 -1.17 5.57
C ALA B 166 10.12 -1.44 4.68
N ALA B 167 10.01 -0.68 3.60
CA ALA B 167 9.07 -1.01 2.55
C ALA B 167 9.33 -2.41 2.01
N PHE B 168 10.61 -2.87 2.02
CA PHE B 168 10.88 -4.17 1.45
C PHE B 168 10.65 -5.24 2.51
N GLY B 169 10.36 -6.46 2.05
CA GLY B 169 10.32 -7.62 2.90
C GLY B 169 11.13 -8.73 2.26
N ASP B 170 10.91 -9.97 2.66
CA ASP B 170 11.88 -11.01 2.36
C ASP B 170 11.83 -11.43 0.89
N LYS B 171 10.88 -10.94 0.11
CA LYS B 171 10.83 -11.38 -1.28
C LYS B 171 11.46 -10.36 -2.22
N CYS B 172 12.07 -9.29 -1.65
CA CYS B 172 12.52 -8.17 -2.45
C CYS B 172 13.64 -8.57 -3.41
N GLY B 173 14.37 -9.67 -3.15
CA GLY B 173 15.69 -9.86 -3.75
C GLY B 173 16.72 -9.05 -2.96
N LYS B 174 17.36 -9.71 -1.98
CA LYS B 174 17.96 -9.01 -0.85
C LYS B 174 19.32 -8.39 -1.20
N VAL B 175 19.88 -8.84 -2.33
CA VAL B 175 21.20 -8.44 -2.78
C VAL B 175 21.06 -7.44 -3.92
N ASN B 176 21.48 -6.19 -3.67
CA ASN B 176 21.37 -5.18 -4.71
C ASN B 176 19.92 -5.00 -5.14
N THR B 177 19.05 -4.80 -4.14
CA THR B 177 17.62 -4.71 -4.33
C THR B 177 17.28 -3.63 -5.35
N LYS B 178 16.42 -3.96 -6.33
CA LYS B 178 16.13 -3.05 -7.43
C LYS B 178 15.13 -2.02 -6.93
N ASP B 179 14.88 -0.98 -7.74
CA ASP B 179 13.88 0.01 -7.42
C ASP B 179 12.48 -0.56 -7.55
N ASP B 180 12.30 -1.37 -8.59
CA ASP B 180 11.03 -2.00 -8.90
C ASP B 180 11.17 -3.48 -8.59
N THR B 181 10.37 -3.95 -7.64
CA THR B 181 10.49 -5.31 -7.14
C THR B 181 9.21 -5.70 -6.39
N ILE B 182 9.18 -6.95 -5.89
CA ILE B 182 8.11 -7.38 -5.01
C ILE B 182 8.30 -6.72 -3.64
N LEU B 183 7.23 -6.11 -3.11
CA LEU B 183 7.27 -5.48 -1.79
C LEU B 183 6.36 -6.27 -0.86
N ASN B 184 6.93 -6.83 0.23
CA ASN B 184 6.14 -7.58 1.19
C ASN B 184 6.56 -7.14 2.59
N PRO B 185 6.42 -5.84 2.94
CA PRO B 185 6.93 -5.36 4.23
C PRO B 185 6.37 -6.18 5.40
N SER B 186 7.19 -6.47 6.40
CA SER B 186 6.61 -7.25 7.49
C SER B 186 6.42 -6.42 8.75
N THR B 187 6.59 -5.09 8.61
CA THR B 187 6.22 -4.15 9.66
C THR B 187 5.09 -3.25 9.16
N VAL B 188 4.29 -2.78 10.12
CA VAL B 188 3.29 -1.73 9.91
C VAL B 188 3.96 -0.52 9.28
N TYR B 189 5.11 -0.11 9.82
CA TYR B 189 5.84 1.05 9.34
C TYR B 189 6.08 0.86 7.86
N GLY B 190 6.68 -0.28 7.53
CA GLY B 190 6.87 -0.68 6.15
C GLY B 190 5.55 -0.60 5.37
N VAL B 191 4.46 -1.16 5.94
CA VAL B 191 3.22 -1.18 5.16
C VAL B 191 2.81 0.26 4.83
N THR B 192 2.83 1.15 5.83
CA THR B 192 2.46 2.54 5.64
C THR B 192 3.38 3.21 4.61
N LYS B 193 4.66 2.85 4.59
CA LYS B 193 5.57 3.58 3.72
C LYS B 193 5.36 3.12 2.27
N VAL B 194 4.93 1.88 2.08
CA VAL B 194 4.61 1.45 0.73
C VAL B 194 3.38 2.21 0.25
N PHE B 195 2.36 2.34 1.09
CA PHE B 195 1.22 3.21 0.79
C PHE B 195 1.68 4.60 0.36
N THR B 196 2.54 5.22 1.18
CA THR B 196 3.12 6.51 0.84
C THR B 196 3.67 6.47 -0.58
N GLU B 197 4.47 5.44 -0.88
CA GLU B 197 5.12 5.34 -2.19
C GLU B 197 4.04 5.34 -3.27
N MET B 198 2.98 4.56 -3.05
CA MET B 198 2.02 4.36 -4.13
C MET B 198 1.08 5.54 -4.28
N ILE B 199 0.55 6.08 -3.18
CA ILE B 199 -0.34 7.20 -3.36
C ILE B 199 0.43 8.44 -3.86
N GLY B 200 1.67 8.65 -3.37
CA GLY B 200 2.54 9.72 -3.84
C GLY B 200 2.82 9.65 -5.34
N THR B 201 3.19 8.47 -5.80
CA THR B 201 3.43 8.22 -7.22
C THR B 201 2.14 8.43 -7.99
N TYR B 202 1.03 7.96 -7.41
CA TYR B 202 -0.25 8.27 -8.04
C TYR B 202 -0.43 9.78 -8.19
N TYR B 203 -0.09 10.57 -7.14
CA TYR B 203 -0.27 12.01 -7.21
C TYR B 203 0.60 12.60 -8.32
N ARG B 204 1.83 12.11 -8.42
CA ARG B 204 2.74 12.61 -9.43
C ARG B 204 2.19 12.33 -10.82
N GLU B 205 1.60 11.13 -11.02
CA GLU B 205 1.26 10.67 -12.36
C GLU B 205 -0.10 11.22 -12.79
N LYS B 206 -0.99 11.41 -11.83
CA LYS B 206 -2.38 11.66 -12.17
C LYS B 206 -2.92 12.95 -11.55
N MET B 207 -2.17 13.63 -10.69
CA MET B 207 -2.77 14.76 -9.98
C MET B 207 -1.84 15.97 -10.07
N GLY B 208 -1.00 15.92 -11.11
CA GLY B 208 0.05 16.88 -11.40
C GLY B 208 0.81 17.30 -10.15
N THR B 209 1.04 16.39 -9.21
CA THR B 209 1.71 16.79 -7.97
C THR B 209 3.19 16.37 -8.01
N ASP B 210 4.09 17.34 -7.79
CA ASP B 210 5.53 17.13 -7.80
C ASP B 210 5.93 16.46 -6.48
N PHE B 211 5.60 15.17 -6.39
CA PHE B 211 5.95 14.31 -5.28
C PHE B 211 7.29 13.66 -5.63
N ARG B 212 8.23 13.66 -4.67
CA ARG B 212 9.54 13.06 -4.84
C ARG B 212 9.92 12.31 -3.56
N SER B 213 10.69 11.23 -3.68
CA SER B 213 10.96 10.38 -2.54
C SER B 213 12.19 9.53 -2.76
N VAL B 214 12.86 9.19 -1.64
CA VAL B 214 13.90 8.18 -1.61
C VAL B 214 13.51 7.15 -0.56
N ARG B 215 14.01 5.92 -0.70
CA ARG B 215 14.00 4.93 0.38
C ARG B 215 15.29 5.05 1.18
N PHE B 216 15.16 5.58 2.40
CA PHE B 216 16.31 5.71 3.27
C PHE B 216 16.71 4.34 3.79
N PRO B 217 18.00 3.97 3.71
CA PRO B 217 18.50 2.83 4.50
C PRO B 217 18.71 3.30 5.93
N GLY B 218 19.46 2.52 6.73
CA GLY B 218 19.85 2.99 8.05
C GLY B 218 20.61 4.31 7.97
N ILE B 219 20.13 5.34 8.66
CA ILE B 219 20.82 6.62 8.63
C ILE B 219 21.62 6.77 9.93
N ILE B 220 22.92 7.02 9.77
CA ILE B 220 23.81 7.10 10.90
C ILE B 220 24.17 8.56 11.09
N SER B 221 24.27 8.97 12.35
CA SER B 221 24.43 10.37 12.65
C SER B 221 25.08 10.50 14.02
N ALA B 222 25.98 11.46 14.13
CA ALA B 222 26.68 11.65 15.38
C ALA B 222 25.79 12.35 16.41
N ALA B 223 24.79 13.09 15.95
CA ALA B 223 23.95 13.90 16.83
C ALA B 223 22.88 13.04 17.49
N THR B 224 22.27 12.14 16.70
CA THR B 224 21.17 11.28 17.13
C THR B 224 21.57 10.52 18.40
N LEU B 225 21.02 10.91 19.57
CA LEU B 225 21.18 10.06 20.74
C LEU B 225 20.52 8.71 20.42
N PRO B 226 21.22 7.56 20.62
CA PRO B 226 20.85 6.28 20.00
C PRO B 226 19.62 5.56 20.55
N GLY B 227 18.61 5.34 19.68
CA GLY B 227 17.29 4.91 20.11
C GLY B 227 17.16 3.39 20.20
N GLY B 228 16.00 2.89 19.77
CA GLY B 228 15.68 1.46 19.82
C GLY B 228 15.49 0.86 18.44
N GLY B 229 15.39 1.72 17.41
CA GLY B 229 15.16 1.36 15.99
C GLY B 229 16.09 0.25 15.50
N ALA B 230 15.73 -0.41 14.39
CA ALA B 230 16.49 -1.56 13.92
C ALA B 230 17.97 -1.20 13.72
N THR B 231 18.19 -0.13 12.95
CA THR B 231 19.49 0.15 12.37
C THR B 231 20.34 1.00 13.31
N ASP B 232 19.72 1.51 14.38
CA ASP B 232 20.37 2.32 15.40
C ASP B 232 21.51 1.57 16.11
N TYR B 233 21.62 0.25 15.92
CA TYR B 233 22.69 -0.46 16.58
C TYR B 233 24.03 0.15 16.17
N ALA B 234 24.08 0.67 14.94
CA ALA B 234 25.36 1.18 14.45
C ALA B 234 25.79 2.35 15.34
N ILE B 235 24.85 3.24 15.62
CA ILE B 235 25.11 4.41 16.43
C ILE B 235 25.52 3.95 17.84
N HIS B 236 24.80 2.95 18.36
CA HIS B 236 25.03 2.47 19.72
C HIS B 236 26.48 1.98 19.85
N MET B 237 26.93 1.28 18.80
CA MET B 237 28.23 0.64 18.83
C MET B 237 29.32 1.70 18.99
N TYR B 238 29.24 2.78 18.20
CA TYR B 238 30.22 3.86 18.28
C TYR B 238 30.21 4.47 19.67
N HIS B 239 29.02 4.67 20.25
CA HIS B 239 28.94 5.24 21.58
C HIS B 239 29.70 4.35 22.55
N CYS B 240 29.33 3.06 22.61
CA CYS B 240 29.99 2.12 23.51
C CYS B 240 31.50 2.08 23.28
N ALA B 241 31.92 1.99 22.02
CA ALA B 241 33.35 2.01 21.71
C ALA B 241 34.04 3.24 22.30
N LEU B 242 33.34 4.37 22.41
CA LEU B 242 33.98 5.57 22.96
C LEU B 242 33.96 5.58 24.50
N LEU B 243 32.99 4.87 25.09
CA LEU B 243 32.90 4.82 26.54
C LEU B 243 33.67 3.62 27.05
N GLY B 244 34.17 2.81 26.11
CA GLY B 244 34.97 1.64 26.39
C GLY B 244 34.18 0.54 27.10
N LYS B 245 32.85 0.48 26.84
CA LYS B 245 32.00 -0.54 27.44
C LYS B 245 31.65 -1.61 26.39
N LYS B 246 31.20 -2.78 26.86
CA LYS B 246 30.79 -3.86 25.97
C LYS B 246 29.49 -3.46 25.29
N TYR B 247 29.33 -3.76 24.00
CA TYR B 247 28.07 -3.44 23.34
C TYR B 247 27.19 -4.69 23.24
N VAL B 248 25.89 -4.54 23.55
CA VAL B 248 24.93 -5.63 23.37
C VAL B 248 24.17 -5.41 22.06
N CYS B 249 24.43 -6.28 21.08
CA CYS B 249 23.94 -6.04 19.74
C CYS B 249 22.76 -6.97 19.45
N PRO B 250 21.54 -6.45 19.13
CA PRO B 250 20.39 -7.30 18.83
C PRO B 250 20.29 -7.77 17.38
N VAL B 251 21.25 -7.37 16.56
CA VAL B 251 21.26 -7.82 15.18
C VAL B 251 22.38 -8.84 15.03
N ARG B 252 22.12 -9.89 14.25
CA ARG B 252 23.09 -10.94 13.97
C ARG B 252 24.39 -10.33 13.43
N ARG B 253 25.51 -10.84 13.94
CA ARG B 253 26.90 -10.52 13.61
C ARG B 253 27.12 -10.36 12.10
N ASP B 254 26.39 -11.15 11.32
CA ASP B 254 26.68 -11.27 9.91
C ASP B 254 25.45 -10.85 9.11
N GLU B 255 24.53 -10.12 9.74
CA GLU B 255 23.37 -9.65 9.00
C GLU B 255 23.68 -8.32 8.32
N PRO B 256 23.77 -8.24 6.98
CA PRO B 256 24.12 -6.99 6.31
C PRO B 256 22.95 -6.03 6.18
N LEU B 257 23.22 -4.75 6.34
CA LEU B 257 22.16 -3.80 6.09
C LEU B 257 22.67 -2.68 5.18
N PRO B 258 21.82 -2.12 4.28
CA PRO B 258 22.13 -0.86 3.63
C PRO B 258 22.15 0.21 4.70
N MET B 259 23.25 0.98 4.72
CA MET B 259 23.39 2.12 5.61
C MET B 259 23.87 3.33 4.80
N LEU B 260 23.72 4.50 5.42
CA LEU B 260 24.08 5.75 4.80
C LEU B 260 24.45 6.75 5.90
N TYR B 261 25.53 7.50 5.68
CA TYR B 261 25.94 8.55 6.62
C TYR B 261 25.15 9.83 6.37
N MET B 262 24.73 10.49 7.45
CA MET B 262 23.81 11.63 7.40
C MET B 262 24.16 12.63 6.31
N PRO B 263 25.42 13.13 6.18
CA PRO B 263 25.72 14.17 5.18
C PRO B 263 25.43 13.74 3.75
N ASP B 264 25.66 12.46 3.45
CA ASP B 264 25.39 11.92 2.13
C ASP B 264 23.89 11.83 1.93
N ALA B 265 23.17 11.48 3.01
CA ALA B 265 21.72 11.44 3.01
C ALA B 265 21.18 12.85 2.72
N LEU B 266 21.67 13.84 3.48
CA LEU B 266 21.19 15.20 3.29
C LEU B 266 21.55 15.67 1.89
N GLY B 267 22.75 15.29 1.45
CA GLY B 267 23.19 15.65 0.11
C GLY B 267 22.24 15.13 -0.95
N GLY B 268 21.79 13.89 -0.75
CA GLY B 268 20.90 13.19 -1.68
C GLY B 268 19.53 13.85 -1.72
N VAL B 269 18.96 14.08 -0.54
CA VAL B 269 17.63 14.66 -0.45
C VAL B 269 17.63 16.00 -1.16
N ILE B 270 18.61 16.85 -0.83
CA ILE B 270 18.65 18.18 -1.40
C ILE B 270 18.86 18.07 -2.91
N LYS B 271 19.77 17.18 -3.33
CA LYS B 271 20.04 17.11 -4.76
C LYS B 271 18.80 16.65 -5.54
N LEU B 272 18.05 15.70 -4.98
CA LEU B 272 16.84 15.24 -5.65
C LEU B 272 15.82 16.38 -5.71
N MET B 273 15.72 17.15 -4.61
CA MET B 273 14.79 18.26 -4.54
C MET B 273 15.15 19.38 -5.53
N GLU B 274 16.43 19.50 -5.91
CA GLU B 274 16.89 20.51 -6.84
C GLU B 274 16.82 20.03 -8.30
N ALA B 275 16.44 18.77 -8.54
CA ALA B 275 16.49 18.20 -9.88
C ALA B 275 15.29 18.61 -10.72
N SER B 276 15.41 18.41 -12.03
CA SER B 276 14.41 18.80 -13.01
C SER B 276 13.39 17.69 -13.16
N ASP B 277 12.10 18.04 -13.25
CA ASP B 277 11.03 17.07 -13.39
C ASP B 277 11.34 16.12 -14.55
N SER B 278 11.93 16.64 -15.64
CA SER B 278 12.12 15.83 -16.84
C SER B 278 13.26 14.83 -16.68
N CYS B 279 14.11 14.99 -15.66
CA CYS B 279 15.15 14.01 -15.36
C CYS B 279 14.58 12.83 -14.58
N LEU B 280 13.42 13.02 -13.93
CA LEU B 280 12.95 12.04 -12.97
C LEU B 280 12.04 11.04 -13.66
N LYS B 281 12.55 9.83 -13.90
CA LYS B 281 11.73 8.82 -14.56
C LYS B 281 10.87 8.08 -13.53
N ARG B 282 11.10 8.37 -12.24
CA ARG B 282 10.55 7.65 -11.11
C ARG B 282 10.16 8.69 -10.07
N ALA B 283 9.22 8.39 -9.17
CA ALA B 283 8.95 9.26 -8.03
C ALA B 283 9.77 8.83 -6.82
N VAL B 284 10.11 7.53 -6.72
CA VAL B 284 10.73 6.96 -5.54
C VAL B 284 12.04 6.28 -5.93
N TYR B 285 13.13 6.62 -5.22
CA TYR B 285 14.46 6.19 -5.59
C TYR B 285 15.14 5.50 -4.41
N ASN B 286 15.70 4.31 -4.62
CA ASN B 286 16.65 3.81 -3.63
C ASN B 286 17.85 4.75 -3.60
N ILE B 287 18.39 5.00 -2.41
CA ILE B 287 19.67 5.69 -2.35
C ILE B 287 20.55 4.87 -1.42
N SER B 288 21.82 4.76 -1.77
CA SER B 288 22.70 3.92 -0.96
C SER B 288 23.92 4.69 -0.44
N GLY B 289 24.42 4.21 0.69
CA GLY B 289 25.74 4.59 1.19
C GLY B 289 26.75 3.46 1.04
N PHE B 290 26.50 2.39 1.80
CA PHE B 290 27.34 1.21 1.87
C PHE B 290 26.49 0.14 2.54
N SER B 291 26.90 -1.11 2.43
CA SER B 291 26.21 -2.22 3.08
C SER B 291 27.16 -2.85 4.09
N PHE B 292 26.74 -3.04 5.35
CA PHE B 292 27.66 -3.70 6.29
C PHE B 292 26.90 -4.57 7.29
N THR B 293 27.65 -5.52 7.87
CA THR B 293 27.19 -6.32 9.00
C THR B 293 27.73 -5.71 10.28
N PRO B 294 27.17 -6.07 11.44
CA PRO B 294 27.70 -5.60 12.72
C PRO B 294 29.17 -5.95 12.91
N GLU B 295 29.60 -7.06 12.33
CA GLU B 295 30.96 -7.53 12.51
C GLU B 295 31.92 -6.62 11.76
N GLN B 296 31.48 -6.12 10.60
CA GLN B 296 32.32 -5.31 9.78
C GLN B 296 32.40 -3.91 10.35
N LEU B 297 31.30 -3.47 10.99
CA LEU B 297 31.31 -2.15 11.60
C LEU B 297 32.23 -2.19 12.81
N ARG B 298 32.10 -3.26 13.61
CA ARG B 298 32.96 -3.49 14.75
C ARG B 298 34.43 -3.39 14.31
N ALA B 299 34.77 -4.07 13.20
CA ALA B 299 36.14 -4.08 12.72
C ALA B 299 36.58 -2.67 12.33
N SER B 300 35.73 -1.96 11.57
CA SER B 300 36.03 -0.58 11.21
C SER B 300 36.45 0.19 12.47
N ILE B 301 35.63 0.06 13.52
CA ILE B 301 35.79 0.84 14.73
C ILE B 301 37.07 0.39 15.43
N GLU B 302 37.38 -0.90 15.34
CA GLU B 302 38.55 -1.45 16.02
C GLU B 302 39.82 -0.97 15.32
N ALA B 303 39.83 -0.99 13.97
CA ALA B 303 40.96 -0.59 13.16
C ALA B 303 41.26 0.89 13.37
N ARG B 304 40.21 1.68 13.64
CA ARG B 304 40.35 3.11 13.84
C ARG B 304 40.85 3.40 15.26
N MET B 305 40.37 2.66 16.27
CA MET B 305 40.73 2.94 17.65
C MET B 305 41.98 2.18 18.10
N LYS B 306 42.39 1.14 17.35
CA LYS B 306 43.56 0.32 17.68
C LYS B 306 43.42 -0.36 19.05
N ARG B 307 42.29 -0.12 19.73
CA ARG B 307 41.84 -0.81 20.92
C ARG B 307 40.59 -1.62 20.53
N PRO B 308 40.43 -2.88 21.03
CA PRO B 308 39.26 -3.72 20.73
C PRO B 308 37.95 -3.35 21.41
N LEU B 309 36.84 -3.78 20.81
CA LEU B 309 35.49 -3.51 21.30
C LEU B 309 34.78 -4.84 21.53
N GLU B 310 34.27 -5.03 22.76
CA GLU B 310 33.53 -6.24 23.13
C GLU B 310 32.08 -6.10 22.67
N VAL B 311 31.60 -7.11 21.93
CA VAL B 311 30.22 -7.09 21.48
C VAL B 311 29.59 -8.46 21.74
N GLU B 312 28.47 -8.45 22.46
CA GLU B 312 27.70 -9.66 22.74
C GLU B 312 26.46 -9.61 21.87
N TYR B 313 26.28 -10.66 21.05
CA TYR B 313 25.15 -10.76 20.14
C TYR B 313 23.97 -11.37 20.89
N VAL B 314 22.95 -10.55 21.06
CA VAL B 314 21.81 -11.00 21.83
C VAL B 314 20.60 -10.73 20.96
N GLU B 315 20.21 -11.74 20.19
CA GLU B 315 19.31 -11.58 19.06
C GLU B 315 17.92 -11.12 19.51
N GLY B 316 17.65 -9.82 19.37
CA GLY B 316 16.36 -9.26 19.73
C GLY B 316 15.37 -9.30 18.57
N PRO B 317 14.23 -8.60 18.65
CA PRO B 317 13.26 -8.55 17.56
C PRO B 317 13.79 -7.71 16.39
N ALA B 318 14.82 -6.89 16.67
CA ALA B 318 15.50 -6.12 15.64
C ALA B 318 16.05 -7.03 14.54
N GLN B 319 16.43 -8.26 14.90
CA GLN B 319 17.15 -9.12 13.97
C GLN B 319 16.14 -9.67 12.96
N SER B 320 14.94 -9.97 13.47
CA SER B 320 13.92 -10.58 12.65
C SER B 320 13.43 -9.57 11.60
N ILE B 321 13.36 -8.32 12.01
CA ILE B 321 13.02 -7.24 11.10
C ILE B 321 14.16 -7.04 10.10
N ALA B 322 15.36 -6.78 10.62
CA ALA B 322 16.57 -6.67 9.82
C ALA B 322 16.70 -7.80 8.80
N HIS B 323 16.38 -9.05 9.17
CA HIS B 323 16.59 -10.17 8.26
C HIS B 323 15.57 -10.12 7.11
N SER B 324 14.47 -9.38 7.28
CA SER B 324 13.48 -9.24 6.24
C SER B 324 13.87 -8.10 5.30
N TRP B 325 14.91 -7.34 5.64
CA TRP B 325 15.26 -6.17 4.84
C TRP B 325 16.34 -6.53 3.84
N PRO B 326 16.64 -5.66 2.85
CA PRO B 326 17.70 -5.96 1.90
C PRO B 326 19.08 -6.00 2.58
N ASP B 327 19.99 -6.75 1.96
CA ASP B 327 21.40 -6.75 2.32
C ASP B 327 22.03 -5.48 1.79
N SER B 328 21.68 -5.11 0.55
CA SER B 328 22.29 -3.98 -0.12
C SER B 328 21.30 -3.47 -1.17
N LEU B 329 21.52 -2.25 -1.66
CA LEU B 329 20.54 -1.60 -2.51
C LEU B 329 21.18 -1.21 -3.83
N ASP B 330 20.44 -1.35 -4.92
CA ASP B 330 20.83 -0.81 -6.21
C ASP B 330 20.22 0.58 -6.31
N ASP B 331 21.08 1.61 -6.33
CA ASP B 331 20.63 2.98 -6.44
C ASP B 331 21.08 3.60 -7.76
N SER B 332 21.30 2.78 -8.80
CA SER B 332 21.67 3.31 -10.11
C SER B 332 20.61 4.23 -10.73
N ASN B 333 19.32 4.06 -10.43
CA ASN B 333 18.40 5.00 -11.07
C ASN B 333 18.61 6.41 -10.52
N ALA B 334 18.96 6.49 -9.23
CA ALA B 334 19.22 7.76 -8.57
C ALA B 334 20.48 8.43 -9.14
N ARG B 335 21.60 7.70 -9.17
CA ARG B 335 22.82 8.19 -9.81
C ARG B 335 22.53 8.70 -11.23
N GLN B 336 21.83 7.88 -12.02
CA GLN B 336 21.65 8.14 -13.43
C GLN B 336 20.71 9.32 -13.65
N ASP B 337 19.54 9.28 -12.99
CA ASP B 337 18.50 10.25 -13.27
C ASP B 337 18.89 11.63 -12.75
N TRP B 338 19.42 11.70 -11.54
CA TRP B 338 19.53 13.03 -10.94
C TRP B 338 20.87 13.23 -10.24
N GLY B 339 21.82 12.35 -10.49
CA GLY B 339 23.19 12.63 -10.07
C GLY B 339 23.48 12.35 -8.60
N TYR B 340 22.71 11.45 -7.97
CA TYR B 340 23.02 11.05 -6.61
C TYR B 340 24.49 10.63 -6.46
N GLU B 341 25.15 11.09 -5.39
CA GLU B 341 26.51 10.62 -5.11
C GLU B 341 26.80 10.60 -3.60
N THR B 342 27.81 9.84 -3.21
CA THR B 342 28.14 9.77 -1.80
C THR B 342 29.63 10.03 -1.61
N LYS B 343 29.98 10.57 -0.44
CA LYS B 343 31.33 11.04 -0.17
C LYS B 343 31.93 10.20 0.94
N TYR B 344 31.07 9.54 1.72
CA TYR B 344 31.55 8.78 2.85
C TYR B 344 31.47 7.29 2.57
N ASP B 345 32.62 6.64 2.73
CA ASP B 345 32.67 5.18 2.80
C ASP B 345 32.71 4.84 4.29
N VAL B 346 32.67 3.55 4.63
CA VAL B 346 32.56 3.16 6.02
C VAL B 346 33.67 3.79 6.87
N ASP B 347 34.90 3.85 6.35
CA ASP B 347 36.05 4.28 7.14
C ASP B 347 36.05 5.78 7.41
N LYS B 348 35.59 6.56 6.43
CA LYS B 348 35.47 7.98 6.64
C LYS B 348 34.38 8.23 7.68
N MET B 349 33.31 7.45 7.65
CA MET B 349 32.19 7.72 8.54
C MET B 349 32.66 7.40 9.95
N THR B 350 33.41 6.30 10.04
CA THR B 350 33.94 5.84 11.30
C THR B 350 34.82 6.94 11.90
N ASP B 351 35.78 7.39 11.07
CA ASP B 351 36.72 8.41 11.51
C ASP B 351 35.93 9.60 12.05
N ASP B 352 34.95 10.04 11.26
CA ASP B 352 34.16 11.22 11.59
C ASP B 352 33.36 11.07 12.90
N MET B 353 32.65 9.94 13.03
CA MET B 353 31.75 9.66 14.13
C MET B 353 32.56 9.59 15.42
N LEU B 354 33.71 8.90 15.33
CA LEU B 354 34.59 8.74 16.49
C LEU B 354 35.17 10.10 16.91
N ARG B 355 35.22 11.08 16.00
CA ARG B 355 35.65 12.42 16.35
C ARG B 355 34.49 13.33 16.75
N GLN B 356 33.30 13.12 16.17
CA GLN B 356 32.25 14.11 16.34
C GLN B 356 31.45 13.85 17.62
N ILE B 357 31.35 12.58 18.03
CA ILE B 357 30.52 12.26 19.18
C ILE B 357 31.06 12.94 20.44
N PRO B 358 32.37 12.80 20.80
CA PRO B 358 32.98 13.44 21.98
C PRO B 358 32.64 14.92 22.04
N VAL B 359 32.67 15.55 20.84
CA VAL B 359 32.41 16.97 20.67
C VAL B 359 30.93 17.28 20.90
N LEU B 360 30.01 16.49 20.32
CA LEU B 360 28.61 16.84 20.47
C LEU B 360 28.06 16.38 21.82
N HIS B 361 28.72 15.40 22.44
CA HIS B 361 28.08 14.73 23.57
C HIS B 361 28.92 14.86 24.83
N GLY B 362 29.97 15.69 24.80
CA GLY B 362 30.81 15.87 25.97
C GLY B 362 31.31 14.52 26.50
N LEU B 363 31.81 13.70 25.57
CA LEU B 363 32.21 12.32 25.77
C LEU B 363 33.73 12.25 25.72
N PRO B 364 34.35 11.11 26.11
CA PRO B 364 35.79 10.90 25.95
C PRO B 364 36.16 10.65 24.48
K K C . -4.79 -5.47 -20.02
K K D . 19.30 -8.02 5.44
#